data_7PGI
#
_entry.id   7PGI
#
_cell.length_a   178.180
_cell.length_b   191.800
_cell.length_c   192.320
_cell.angle_alpha   90.000
_cell.angle_beta   90.000
_cell.angle_gamma   90.000
#
_symmetry.space_group_name_H-M   'I 21 21 21'
#
loop_
_entity.id
_entity.type
_entity.pdbx_description
1 polymer 'Ion transport protein'
2 non-polymer 'ACETATE ION'
3 non-polymer 'SODIUM ION'
4 non-polymer 'MAGNESIUM ION'
#
_entity_poly.entity_id   1
_entity_poly.type   'polypeptide(L)'
_entity_poly.pdbx_seq_one_letter_code
;VESLMQALPGIGWTAALLLMMFYIFAVMGTELFGEAFPQWFGSLGASIYSLFQIMTLESWSMGIARPVMEVYPLAWIFFV
PFILISSFMVLNLFIAIIVSATQEVHESEQRAEREANNLIAHDERQEMLDLMRAMHAKIVALEQQGKAGQ
;
_entity_poly.pdbx_strand_id   A,B,C,D,E,F,G,H
#
loop_
_chem_comp.id
_chem_comp.type
_chem_comp.name
_chem_comp.formula
ACT non-polymer 'ACETATE ION' 'C2 H3 O2 -1'
MG non-polymer 'MAGNESIUM ION' 'Mg 2'
NA non-polymer 'SODIUM ION' 'Na 1'
#
# COMPACT_ATOMS: atom_id res chain seq x y z
N GLU A 2 23.29 -11.09 -43.57
CA GLU A 2 23.45 -10.27 -42.34
C GLU A 2 23.56 -11.19 -41.12
N SER A 3 23.89 -12.47 -41.37
CA SER A 3 24.08 -13.43 -40.29
C SER A 3 25.55 -13.62 -39.95
N LEU A 4 26.44 -13.58 -40.95
CA LEU A 4 27.86 -13.46 -40.69
C LEU A 4 28.18 -12.02 -40.27
N MET A 5 27.39 -11.07 -40.75
CA MET A 5 27.62 -9.65 -40.44
C MET A 5 27.35 -9.35 -38.97
N GLN A 6 26.48 -10.13 -38.32
CA GLN A 6 26.34 -10.06 -36.87
C GLN A 6 27.68 -10.29 -36.17
N ALA A 7 28.45 -11.25 -36.64
CA ALA A 7 29.54 -11.83 -35.86
C ALA A 7 30.89 -11.15 -36.06
N LEU A 8 30.97 -10.14 -36.92
CA LEU A 8 32.25 -9.51 -37.23
C LEU A 8 32.85 -8.72 -36.06
N PRO A 9 32.08 -7.95 -35.28
CA PRO A 9 32.69 -7.25 -34.13
C PRO A 9 33.39 -8.19 -33.16
N GLY A 10 32.84 -9.37 -32.92
CA GLY A 10 33.53 -10.35 -32.08
C GLY A 10 34.80 -10.86 -32.74
N ILE A 11 34.76 -11.07 -34.06
CA ILE A 11 35.97 -11.45 -34.80
C ILE A 11 37.07 -10.43 -34.58
N GLY A 12 36.73 -9.15 -34.65
CA GLY A 12 37.73 -8.11 -34.47
C GLY A 12 38.29 -8.06 -33.07
N TRP A 13 37.43 -8.26 -32.07
CA TRP A 13 37.88 -8.28 -30.68
C TRP A 13 38.94 -9.37 -30.46
N THR A 14 38.70 -10.55 -31.03
CA THR A 14 39.70 -11.61 -30.97
C THR A 14 40.95 -11.22 -31.75
N ALA A 15 40.77 -10.71 -32.98
CA ALA A 15 41.90 -10.31 -33.79
C ALA A 15 42.68 -9.18 -33.13
N ALA A 16 41.97 -8.20 -32.56
CA ALA A 16 42.66 -7.10 -31.88
C ALA A 16 43.44 -7.59 -30.67
N LEU A 17 42.77 -8.35 -29.79
CA LEU A 17 43.46 -8.87 -28.60
C LEU A 17 44.56 -9.85 -28.96
N LEU A 18 44.49 -10.46 -30.15
CA LEU A 18 45.59 -11.33 -30.59
C LEU A 18 46.84 -10.51 -30.87
N LEU A 19 46.71 -9.42 -31.61
CA LEU A 19 47.86 -8.54 -31.84
C LEU A 19 48.37 -7.93 -30.54
N MET A 20 47.47 -7.72 -29.58
CA MET A 20 47.92 -7.25 -28.27
C MET A 20 48.83 -8.27 -27.61
N MET A 21 48.61 -9.56 -27.87
CA MET A 21 49.44 -10.59 -27.27
C MET A 21 50.85 -10.59 -27.85
N PHE A 22 50.97 -10.42 -29.17
CA PHE A 22 52.31 -10.31 -29.75
C PHE A 22 53.04 -9.09 -29.18
N TYR A 23 52.35 -7.97 -29.02
CA TYR A 23 52.99 -6.76 -28.53
C TYR A 23 53.57 -6.94 -27.13
N ILE A 24 52.75 -7.44 -26.19
CA ILE A 24 53.21 -7.52 -24.80
C ILE A 24 54.24 -8.62 -24.64
N PHE A 25 54.06 -9.75 -25.31
CA PHE A 25 55.05 -10.82 -25.25
C PHE A 25 56.35 -10.43 -25.97
N ALA A 26 56.30 -9.50 -26.91
CA ALA A 26 57.54 -9.00 -27.52
C ALA A 26 58.25 -8.03 -26.58
N VAL A 27 57.51 -7.06 -26.02
CA VAL A 27 58.08 -6.19 -25.00
C VAL A 27 58.65 -7.01 -23.86
N MET A 28 57.96 -8.09 -23.49
CA MET A 28 58.42 -8.93 -22.40
C MET A 28 59.58 -9.81 -22.86
N GLY A 29 59.52 -10.30 -24.10
CA GLY A 29 60.62 -11.08 -24.63
C GLY A 29 61.90 -10.29 -24.75
N THR A 30 61.79 -8.99 -25.08
CA THR A 30 62.96 -8.13 -25.18
C THR A 30 63.65 -8.00 -23.83
N GLU A 31 62.88 -7.74 -22.77
CA GLU A 31 63.42 -7.68 -21.42
C GLU A 31 64.15 -8.97 -21.06
N LEU A 32 63.42 -10.09 -21.09
CA LEU A 32 63.90 -11.31 -20.46
C LEU A 32 65.16 -11.84 -21.14
N PHE A 33 65.24 -11.71 -22.46
CA PHE A 33 66.17 -12.52 -23.24
C PHE A 33 67.12 -11.71 -24.10
N GLY A 34 66.68 -10.58 -24.63
CA GLY A 34 67.45 -9.78 -25.59
C GLY A 34 68.90 -9.53 -25.21
N GLU A 35 69.17 -9.44 -23.91
CA GLU A 35 70.54 -9.28 -23.43
C GLU A 35 71.42 -10.44 -23.90
N ALA A 36 70.94 -11.67 -23.71
CA ALA A 36 71.69 -12.85 -24.10
C ALA A 36 71.44 -13.29 -25.53
N PHE A 37 70.37 -12.81 -26.16
CA PHE A 37 70.00 -13.19 -27.51
C PHE A 37 69.63 -11.94 -28.32
N PRO A 38 70.62 -11.10 -28.64
CA PRO A 38 70.31 -9.86 -29.38
C PRO A 38 69.78 -10.10 -30.77
N GLN A 39 70.16 -11.22 -31.38
CA GLN A 39 69.72 -11.53 -32.73
C GLN A 39 68.22 -11.77 -32.82
N TRP A 40 67.63 -12.37 -31.79
CA TRP A 40 66.27 -12.84 -31.79
C TRP A 40 65.33 -11.93 -31.01
N PHE A 41 65.79 -11.43 -29.87
CA PHE A 41 64.97 -10.62 -28.98
C PHE A 41 65.64 -9.30 -28.64
N GLY A 42 66.67 -8.91 -29.39
CA GLY A 42 67.43 -7.72 -29.05
C GLY A 42 66.68 -6.43 -29.23
N SER A 43 65.78 -6.37 -30.21
CA SER A 43 64.93 -5.22 -30.42
C SER A 43 63.47 -5.65 -30.32
N LEU A 44 62.58 -4.66 -30.22
CA LEU A 44 61.16 -4.95 -30.17
C LEU A 44 60.69 -5.57 -31.49
N GLY A 45 61.26 -5.11 -32.61
CA GLY A 45 60.92 -5.72 -33.89
C GLY A 45 61.39 -7.16 -33.99
N ALA A 46 62.65 -7.40 -33.60
CA ALA A 46 63.17 -8.77 -33.63
C ALA A 46 62.35 -9.70 -32.76
N SER A 47 61.88 -9.21 -31.61
CA SER A 47 61.06 -10.04 -30.73
C SER A 47 59.74 -10.41 -31.39
N ILE A 48 59.08 -9.41 -32.01
CA ILE A 48 57.80 -9.64 -32.68
C ILE A 48 57.95 -10.69 -33.77
N TYR A 49 59.13 -10.74 -34.40
CA TYR A 49 59.33 -11.62 -35.55
C TYR A 49 59.71 -13.03 -35.12
N SER A 50 60.55 -13.16 -34.09
CA SER A 50 60.87 -14.48 -33.56
C SER A 50 59.65 -15.13 -32.93
N LEU A 51 58.78 -14.34 -32.30
CA LEU A 51 57.51 -14.89 -31.81
C LEU A 51 56.64 -15.35 -32.96
N PHE A 52 56.55 -14.54 -34.03
CA PHE A 52 55.80 -14.93 -35.22
C PHE A 52 56.36 -16.19 -35.86
N GLN A 53 57.69 -16.34 -35.88
CA GLN A 53 58.28 -17.56 -36.41
C GLN A 53 57.94 -18.76 -35.54
N ILE A 54 57.94 -18.58 -34.21
CA ILE A 54 57.59 -19.69 -33.33
C ILE A 54 56.19 -20.19 -33.62
N MET A 55 55.24 -19.28 -33.83
CA MET A 55 53.85 -19.68 -34.06
C MET A 55 53.69 -20.41 -35.39
N THR A 56 54.39 -19.96 -36.44
CA THR A 56 54.26 -20.54 -37.76
C THR A 56 55.19 -21.74 -37.97
N LEU A 57 55.73 -22.30 -36.90
CA LEU A 57 56.50 -23.55 -36.91
C LEU A 57 57.73 -23.47 -37.81
N GLU A 58 58.21 -22.27 -38.14
CA GLU A 58 59.47 -22.10 -38.82
C GLU A 58 60.65 -22.13 -37.85
N SER A 59 60.38 -22.53 -36.62
CA SER A 59 61.35 -22.76 -35.56
C SER A 59 61.16 -24.17 -35.02
N TRP A 60 61.12 -25.14 -35.94
CA TRP A 60 60.76 -26.51 -35.63
C TRP A 60 61.90 -27.50 -35.85
N SER A 61 62.93 -27.13 -36.60
CA SER A 61 64.20 -27.84 -36.62
C SER A 61 65.33 -26.87 -36.33
N MET A 62 65.14 -25.63 -36.77
CA MET A 62 65.93 -24.48 -36.32
C MET A 62 65.15 -23.70 -35.28
N GLY A 63 64.81 -24.42 -34.21
CA GLY A 63 63.89 -23.98 -33.19
C GLY A 63 64.39 -22.97 -32.18
N ILE A 64 63.99 -21.71 -32.39
CA ILE A 64 64.43 -20.60 -31.54
C ILE A 64 64.18 -20.89 -30.07
N ALA A 65 63.07 -21.56 -29.77
CA ALA A 65 62.69 -21.79 -28.37
C ALA A 65 63.75 -22.60 -27.63
N ARG A 66 64.18 -23.71 -28.21
CA ARG A 66 65.05 -24.64 -27.49
C ARG A 66 66.34 -23.98 -26.98
N PRO A 67 67.17 -23.33 -27.80
CA PRO A 67 68.36 -22.65 -27.26
C PRO A 67 68.09 -21.74 -26.08
N VAL A 68 67.03 -20.94 -26.15
CA VAL A 68 66.69 -20.06 -25.02
C VAL A 68 66.22 -20.89 -23.83
N MET A 69 65.44 -21.96 -24.09
CA MET A 69 65.05 -22.88 -23.03
C MET A 69 66.25 -23.43 -22.31
N GLU A 70 67.36 -23.38 -22.97
CA GLU A 70 68.42 -24.28 -22.67
C GLU A 70 69.56 -23.49 -22.06
N VAL A 71 69.43 -22.15 -22.06
CA VAL A 71 70.20 -21.18 -21.30
C VAL A 71 69.44 -20.82 -20.02
N TYR A 72 68.19 -20.35 -20.18
CA TYR A 72 67.34 -20.10 -19.02
C TYR A 72 66.43 -21.31 -18.88
N PRO A 73 66.62 -22.16 -17.86
CA PRO A 73 65.83 -23.40 -17.79
C PRO A 73 64.36 -23.18 -17.51
N LEU A 74 63.97 -22.00 -17.02
CA LEU A 74 62.62 -21.72 -16.57
C LEU A 74 61.82 -20.91 -17.59
N ALA A 75 62.34 -20.76 -18.81
CA ALA A 75 61.76 -19.86 -19.80
C ALA A 75 60.51 -20.42 -20.48
N TRP A 76 60.10 -21.64 -20.17
CA TRP A 76 58.82 -22.12 -20.66
C TRP A 76 57.65 -21.34 -20.07
N ILE A 77 57.84 -20.73 -18.88
CA ILE A 77 56.82 -19.91 -18.23
C ILE A 77 56.40 -18.75 -19.15
N PHE A 78 57.20 -18.46 -20.18
CA PHE A 78 56.84 -17.47 -21.21
C PHE A 78 56.55 -18.10 -22.57
N PHE A 79 57.35 -19.05 -23.04
CA PHE A 79 57.06 -19.62 -24.35
C PHE A 79 55.81 -20.49 -24.37
N VAL A 80 55.43 -21.08 -23.24
CA VAL A 80 54.22 -21.90 -23.21
C VAL A 80 52.97 -21.02 -23.20
N PRO A 81 52.80 -20.08 -22.26
CA PRO A 81 51.56 -19.27 -22.27
C PRO A 81 51.37 -18.48 -23.56
N PHE A 82 52.45 -17.95 -24.13
CA PHE A 82 52.34 -17.28 -25.43
C PHE A 82 51.74 -18.19 -26.49
N ILE A 83 52.32 -19.37 -26.66
CA ILE A 83 51.84 -20.30 -27.68
C ILE A 83 50.41 -20.73 -27.39
N LEU A 84 50.02 -20.81 -26.12
CA LEU A 84 48.66 -21.20 -25.79
C LEU A 84 47.66 -20.10 -26.13
N ILE A 85 47.84 -18.90 -25.56
CA ILE A 85 46.87 -17.83 -25.75
C ILE A 85 46.76 -17.45 -27.22
N SER A 86 47.90 -17.38 -27.93
CA SER A 86 47.88 -16.95 -29.33
C SER A 86 47.36 -18.03 -30.26
N SER A 87 47.40 -19.30 -29.86
CA SER A 87 46.72 -20.35 -30.62
C SER A 87 45.24 -20.36 -30.31
N PHE A 88 44.88 -20.15 -29.04
CA PHE A 88 43.48 -20.14 -28.64
C PHE A 88 42.73 -18.98 -29.27
N MET A 89 43.41 -17.86 -29.52
CA MET A 89 42.74 -16.73 -30.18
C MET A 89 42.48 -17.04 -31.64
N VAL A 90 43.47 -17.58 -32.35
CA VAL A 90 43.27 -17.95 -33.75
C VAL A 90 42.19 -19.01 -33.88
N LEU A 91 42.10 -19.91 -32.89
CA LEU A 91 41.00 -20.87 -32.87
C LEU A 91 39.66 -20.17 -32.75
N ASN A 92 39.58 -19.14 -31.89
CA ASN A 92 38.33 -18.42 -31.71
C ASN A 92 37.94 -17.62 -32.94
N LEU A 93 38.88 -17.38 -33.86
CA LEU A 93 38.53 -16.76 -35.14
C LEU A 93 37.71 -17.72 -35.99
N PHE A 94 38.13 -18.99 -36.06
CA PHE A 94 37.40 -19.98 -36.83
C PHE A 94 36.13 -20.42 -36.12
N ILE A 95 36.19 -20.59 -34.79
CA ILE A 95 35.00 -20.95 -34.03
C ILE A 95 33.90 -19.94 -34.22
N ALA A 96 34.24 -18.64 -34.22
CA ALA A 96 33.22 -17.60 -34.34
C ALA A 96 32.50 -17.69 -35.68
N ILE A 97 33.20 -18.08 -36.74
CA ILE A 97 32.55 -18.24 -38.03
C ILE A 97 31.73 -19.54 -38.07
N ILE A 98 32.24 -20.61 -37.46
CA ILE A 98 31.48 -21.85 -37.36
C ILE A 98 30.17 -21.61 -36.63
N VAL A 99 30.23 -20.93 -35.48
CA VAL A 99 29.02 -20.64 -34.72
C VAL A 99 28.07 -19.78 -35.56
N SER A 100 28.58 -18.71 -36.15
CA SER A 100 27.75 -17.79 -36.94
C SER A 100 26.96 -18.53 -38.01
N ALA A 101 27.59 -19.50 -38.67
CA ALA A 101 26.90 -20.23 -39.74
C ALA A 101 25.83 -21.16 -39.17
N THR A 102 26.22 -22.03 -38.24
CA THR A 102 25.26 -22.99 -37.69
C THR A 102 24.19 -22.30 -36.84
N GLN A 103 24.52 -21.16 -36.24
CA GLN A 103 23.51 -20.38 -35.52
C GLN A 103 22.38 -19.96 -36.46
N GLU A 104 22.72 -19.60 -37.70
CA GLU A 104 21.72 -19.17 -38.66
C GLU A 104 20.81 -20.31 -39.07
N VAL A 105 21.39 -21.50 -39.32
CA VAL A 105 20.59 -22.65 -39.74
C VAL A 105 19.58 -23.02 -38.67
N HIS A 106 20.04 -23.10 -37.42
CA HIS A 106 19.15 -23.41 -36.30
C HIS A 106 17.99 -22.43 -36.23
N GLU A 107 18.25 -21.15 -36.53
CA GLU A 107 17.22 -20.14 -36.44
C GLU A 107 16.26 -20.15 -37.63
N SER A 108 16.65 -20.76 -38.74
CA SER A 108 15.75 -20.93 -39.88
C SER A 108 14.89 -22.17 -39.73
N GLU A 109 15.47 -23.28 -39.27
CA GLU A 109 14.69 -24.46 -38.93
C GLU A 109 13.73 -24.19 -37.78
N GLN A 110 13.98 -23.12 -37.02
CA GLN A 110 13.12 -22.78 -35.89
C GLN A 110 11.76 -22.27 -36.37
N ARG A 111 11.74 -21.48 -37.45
CA ARG A 111 10.48 -21.05 -38.06
C ARG A 111 9.79 -22.20 -38.77
N ALA A 112 10.46 -22.79 -39.77
CA ALA A 112 9.83 -23.79 -40.62
C ALA A 112 9.19 -24.93 -39.83
N GLU A 113 9.58 -25.10 -38.57
CA GLU A 113 8.91 -26.04 -37.69
C GLU A 113 7.76 -25.38 -36.93
N ARG A 114 7.84 -24.08 -36.66
CA ARG A 114 6.77 -23.38 -35.98
C ARG A 114 5.65 -22.96 -36.94
N GLU A 115 5.96 -22.76 -38.23
CA GLU A 115 4.92 -22.51 -39.21
C GLU A 115 4.19 -23.79 -39.58
N ALA A 116 4.92 -24.91 -39.65
CA ALA A 116 4.26 -26.20 -39.87
C ALA A 116 3.23 -26.47 -38.78
N ASN A 117 3.57 -26.19 -37.52
CA ASN A 117 2.64 -26.44 -36.43
C ASN A 117 1.44 -25.50 -36.50
N ASN A 118 1.67 -24.22 -36.79
CA ASN A 118 0.56 -23.29 -36.99
C ASN A 118 -0.30 -23.71 -38.17
N LEU A 119 0.32 -24.21 -39.23
CA LEU A 119 -0.43 -24.68 -40.39
C LEU A 119 -1.32 -25.87 -40.03
N ILE A 120 -0.72 -26.90 -39.44
CA ILE A 120 -1.48 -28.10 -39.08
C ILE A 120 -2.65 -27.76 -38.17
N ALA A 121 -2.45 -26.80 -37.25
CA ALA A 121 -3.54 -26.38 -36.38
C ALA A 121 -4.63 -25.68 -37.17
N HIS A 122 -4.27 -24.66 -37.95
CA HIS A 122 -5.22 -23.96 -38.82
C HIS A 122 -6.04 -24.94 -39.65
N ASP A 123 -5.40 -25.98 -40.19
CA ASP A 123 -6.09 -26.91 -41.07
C ASP A 123 -6.88 -27.95 -40.30
N GLU A 124 -6.39 -28.39 -39.14
CA GLU A 124 -7.17 -29.31 -38.31
C GLU A 124 -8.42 -28.65 -37.74
N ARG A 125 -8.36 -27.35 -37.39
CA ARG A 125 -9.56 -26.61 -36.99
C ARG A 125 -10.53 -26.44 -38.16
N GLN A 126 -9.99 -26.13 -39.34
CA GLN A 126 -10.84 -25.88 -40.51
C GLN A 126 -11.56 -27.15 -40.92
N GLU A 127 -10.90 -28.30 -40.80
CA GLU A 127 -11.54 -29.58 -41.05
C GLU A 127 -12.67 -29.82 -40.06
N MET A 128 -12.43 -29.54 -38.78
CA MET A 128 -13.46 -29.71 -37.75
C MET A 128 -14.63 -28.77 -38.02
N LEU A 129 -14.34 -27.53 -38.42
CA LEU A 129 -15.38 -26.52 -38.48
C LEU A 129 -16.31 -26.77 -39.65
N ASP A 130 -15.77 -27.20 -40.79
CA ASP A 130 -16.60 -27.60 -41.93
C ASP A 130 -17.49 -28.77 -41.54
N LEU A 131 -16.91 -29.78 -40.88
CA LEU A 131 -17.69 -30.91 -40.42
C LEU A 131 -18.74 -30.51 -39.39
N MET A 132 -18.57 -29.36 -38.75
CA MET A 132 -19.61 -28.84 -37.87
C MET A 132 -20.80 -28.32 -38.67
N ARG A 133 -20.54 -27.41 -39.60
CA ARG A 133 -21.61 -26.74 -40.34
C ARG A 133 -22.47 -27.74 -41.09
N ALA A 134 -21.82 -28.68 -41.79
CA ALA A 134 -22.54 -29.79 -42.39
C ALA A 134 -23.41 -30.50 -41.37
N MET A 135 -22.96 -30.57 -40.13
CA MET A 135 -23.80 -31.24 -39.14
C MET A 135 -24.84 -30.29 -38.54
N HIS A 136 -24.57 -29.02 -38.47
CA HIS A 136 -25.67 -28.18 -38.07
C HIS A 136 -26.81 -28.19 -39.10
N ALA A 137 -26.48 -28.38 -40.38
CA ALA A 137 -27.49 -28.34 -41.42
C ALA A 137 -28.40 -29.55 -41.36
N LYS A 138 -27.80 -30.75 -41.24
CA LYS A 138 -28.57 -31.98 -41.16
C LYS A 138 -29.39 -32.06 -39.88
N ILE A 139 -29.06 -31.26 -38.87
CA ILE A 139 -29.90 -31.21 -37.67
C ILE A 139 -31.13 -30.36 -37.92
N VAL A 140 -30.95 -29.22 -38.57
CA VAL A 140 -32.09 -28.38 -38.94
C VAL A 140 -33.05 -29.19 -39.81
N ALA A 141 -32.52 -29.92 -40.78
CA ALA A 141 -33.35 -30.81 -41.60
C ALA A 141 -33.97 -31.93 -40.79
N LEU A 142 -33.39 -32.26 -39.63
CA LEU A 142 -33.97 -33.25 -38.73
C LEU A 142 -35.06 -32.65 -37.84
N GLU A 143 -35.10 -31.33 -37.71
CA GLU A 143 -36.14 -30.65 -36.95
C GLU A 143 -37.26 -30.12 -37.85
N GLN A 144 -37.12 -30.28 -39.16
CA GLN A 144 -38.19 -29.94 -40.09
C GLN A 144 -39.11 -31.11 -40.36
N GLN A 145 -38.53 -32.32 -40.38
CA GLN A 145 -39.25 -33.57 -40.19
C GLN A 145 -40.28 -33.44 -39.09
N GLY A 146 -39.90 -32.77 -38.00
CA GLY A 146 -40.68 -32.81 -36.77
C GLY A 146 -41.82 -31.82 -36.72
N LYS A 147 -41.72 -30.70 -37.44
CA LYS A 147 -42.76 -29.67 -37.41
C LYS A 147 -44.12 -30.21 -37.82
N GLU B 2 28.51 -27.94 -29.92
CA GLU B 2 28.40 -26.50 -30.11
C GLU B 2 27.61 -25.79 -29.03
N SER B 3 27.84 -26.11 -27.76
CA SER B 3 27.31 -25.25 -26.72
C SER B 3 28.38 -24.62 -25.86
N LEU B 4 29.42 -25.37 -25.52
CA LEU B 4 30.61 -24.75 -24.94
C LEU B 4 31.50 -24.13 -26.00
N MET B 5 31.42 -24.61 -27.24
CA MET B 5 32.10 -23.95 -28.34
C MET B 5 31.57 -22.54 -28.57
N GLN B 6 30.29 -22.30 -28.24
CA GLN B 6 29.74 -20.96 -28.38
C GLN B 6 30.46 -19.95 -27.48
N ALA B 7 31.00 -20.40 -26.36
CA ALA B 7 31.44 -19.51 -25.30
C ALA B 7 32.94 -19.28 -25.25
N LEU B 8 33.71 -19.92 -26.14
CA LEU B 8 35.17 -19.81 -26.09
C LEU B 8 35.71 -18.42 -26.42
N PRO B 9 35.18 -17.73 -27.44
CA PRO B 9 35.70 -16.36 -27.70
C PRO B 9 35.59 -15.43 -26.50
N GLY B 10 34.53 -15.53 -25.71
CA GLY B 10 34.44 -14.75 -24.49
C GLY B 10 35.47 -15.18 -23.45
N ILE B 11 35.71 -16.49 -23.35
CA ILE B 11 36.76 -17.01 -22.48
C ILE B 11 38.10 -16.37 -22.84
N GLY B 12 38.40 -16.28 -24.13
CA GLY B 12 39.67 -15.72 -24.55
C GLY B 12 39.78 -14.24 -24.25
N TRP B 13 38.69 -13.50 -24.44
CA TRP B 13 38.68 -12.07 -24.14
C TRP B 13 39.03 -11.82 -22.68
N THR B 14 38.45 -12.62 -21.78
CA THR B 14 38.80 -12.53 -20.36
C THR B 14 40.25 -12.94 -20.15
N ALA B 15 40.66 -14.07 -20.73
CA ALA B 15 42.04 -14.53 -20.58
C ALA B 15 43.02 -13.52 -21.15
N ALA B 16 42.71 -12.96 -22.32
CA ALA B 16 43.59 -11.97 -22.94
C ALA B 16 43.70 -10.72 -22.07
N LEU B 17 42.55 -10.14 -21.69
CA LEU B 17 42.57 -8.95 -20.85
C LEU B 17 43.16 -9.23 -19.47
N LEU B 18 43.15 -10.48 -19.01
CA LEU B 18 43.82 -10.83 -17.76
C LEU B 18 45.33 -10.66 -17.88
N LEU B 19 45.92 -11.23 -18.94
CA LEU B 19 47.35 -11.04 -19.16
C LEU B 19 47.68 -9.57 -19.39
N MET B 20 46.76 -8.80 -19.97
CA MET B 20 46.99 -7.37 -20.11
C MET B 20 47.12 -6.70 -18.75
N MET B 21 46.41 -7.22 -17.74
CA MET B 21 46.50 -6.65 -16.41
C MET B 21 47.85 -6.90 -15.76
N PHE B 22 48.40 -8.10 -15.90
CA PHE B 22 49.75 -8.33 -15.38
C PHE B 22 50.76 -7.42 -16.06
N TYR B 23 50.63 -7.23 -17.37
CA TYR B 23 51.59 -6.40 -18.10
C TYR B 23 51.60 -4.96 -17.59
N ILE B 24 50.42 -4.34 -17.50
CA ILE B 24 50.39 -2.92 -17.15
C ILE B 24 50.73 -2.71 -15.68
N PHE B 25 50.24 -3.60 -14.81
CA PHE B 25 50.60 -3.51 -13.40
C PHE B 25 52.06 -3.85 -13.14
N ALA B 26 52.71 -4.61 -14.03
CA ALA B 26 54.15 -4.82 -13.90
C ALA B 26 54.92 -3.60 -14.36
N VAL B 27 54.54 -3.04 -15.52
CA VAL B 27 55.13 -1.77 -15.95
C VAL B 27 54.92 -0.69 -14.90
N MET B 28 53.71 -0.61 -14.31
CA MET B 28 53.53 0.33 -13.19
C MET B 28 54.30 -0.06 -11.96
N GLY B 29 54.32 -1.35 -11.61
CA GLY B 29 55.05 -1.77 -10.44
C GLY B 29 56.53 -1.43 -10.53
N THR B 30 57.09 -1.55 -11.73
CA THR B 30 58.50 -1.22 -11.93
C THR B 30 58.77 0.26 -11.66
N GLU B 31 57.95 1.14 -12.22
CA GLU B 31 58.04 2.57 -11.92
C GLU B 31 57.98 2.85 -10.43
N LEU B 32 56.87 2.46 -9.80
CA LEU B 32 56.54 2.96 -8.48
C LEU B 32 57.56 2.50 -7.44
N PHE B 33 58.06 1.28 -7.57
CA PHE B 33 58.69 0.58 -6.46
C PHE B 33 60.11 0.11 -6.75
N GLY B 34 60.40 -0.31 -7.98
CA GLY B 34 61.66 -0.91 -8.35
C GLY B 34 62.90 -0.18 -7.87
N GLU B 35 62.78 1.15 -7.75
CA GLU B 35 63.86 1.97 -7.20
C GLU B 35 64.25 1.49 -5.81
N ALA B 36 63.25 1.34 -4.94
CA ALA B 36 63.47 0.93 -3.56
C ALA B 36 63.45 -0.58 -3.36
N PHE B 37 62.94 -1.34 -4.33
CA PHE B 37 62.82 -2.80 -4.23
C PHE B 37 63.30 -3.42 -5.53
N PRO B 38 64.61 -3.37 -5.81
CA PRO B 38 65.11 -3.94 -7.07
C PRO B 38 64.92 -5.43 -7.17
N GLN B 39 64.91 -6.13 -6.03
CA GLN B 39 64.77 -7.58 -6.01
C GLN B 39 63.42 -8.04 -6.55
N TRP B 40 62.38 -7.28 -6.26
CA TRP B 40 61.00 -7.65 -6.52
C TRP B 40 60.41 -6.97 -7.74
N PHE B 41 60.71 -5.67 -7.92
CA PHE B 41 60.13 -4.86 -8.97
C PHE B 41 61.20 -4.15 -9.79
N GLY B 42 62.45 -4.58 -9.67
CA GLY B 42 63.55 -3.88 -10.32
C GLY B 42 63.54 -4.00 -11.83
N SER B 43 63.07 -5.12 -12.35
CA SER B 43 62.92 -5.31 -13.79
C SER B 43 61.47 -5.61 -14.11
N LEU B 44 61.14 -5.54 -15.41
CA LEU B 44 59.79 -5.86 -15.83
C LEU B 44 59.47 -7.34 -15.57
N GLY B 45 60.47 -8.21 -15.75
CA GLY B 45 60.27 -9.62 -15.44
C GLY B 45 60.05 -9.87 -13.97
N ALA B 46 60.90 -9.26 -13.12
CA ALA B 46 60.73 -9.40 -11.67
C ALA B 46 59.37 -8.91 -11.21
N SER B 47 58.86 -7.83 -11.83
CA SER B 47 57.55 -7.30 -11.46
C SER B 47 56.44 -8.30 -11.81
N ILE B 48 56.45 -8.81 -13.05
CA ILE B 48 55.51 -9.86 -13.44
C ILE B 48 55.49 -11.02 -12.46
N TYR B 49 56.65 -11.38 -11.92
CA TYR B 49 56.73 -12.59 -11.12
C TYR B 49 56.30 -12.33 -9.68
N SER B 50 56.65 -11.19 -9.11
CA SER B 50 56.18 -10.84 -7.79
C SER B 50 54.68 -10.61 -7.77
N LEU B 51 54.12 -10.07 -8.85
CA LEU B 51 52.66 -9.97 -8.96
C LEU B 51 52.03 -11.35 -9.03
N PHE B 52 52.61 -12.25 -9.83
CA PHE B 52 52.13 -13.62 -9.91
C PHE B 52 52.23 -14.34 -8.56
N GLN B 53 53.29 -14.08 -7.80
CA GLN B 53 53.38 -14.68 -6.46
C GLN B 53 52.31 -14.12 -5.53
N ILE B 54 52.02 -12.82 -5.62
CA ILE B 54 50.98 -12.23 -4.80
C ILE B 54 49.64 -12.92 -5.05
N MET B 55 49.31 -13.17 -6.31
CA MET B 55 48.02 -13.77 -6.63
C MET B 55 47.92 -15.21 -6.14
N THR B 56 49.00 -15.98 -6.25
CA THR B 56 48.99 -17.38 -5.86
C THR B 56 49.31 -17.58 -4.38
N LEU B 57 49.21 -16.53 -3.57
CA LEU B 57 49.30 -16.60 -2.12
C LEU B 57 50.62 -17.17 -1.62
N GLU B 58 51.65 -17.16 -2.46
CA GLU B 58 53.00 -17.49 -2.03
C GLU B 58 53.70 -16.29 -1.40
N SER B 59 52.94 -15.21 -1.14
CA SER B 59 53.48 -14.13 -0.34
C SER B 59 52.48 -13.91 0.80
N TRP B 60 52.14 -15.03 1.46
CA TRP B 60 51.20 -15.09 2.58
CA TRP B 60 51.19 -15.05 2.58
C TRP B 60 51.90 -14.82 3.91
N SER B 61 53.04 -15.48 4.13
CA SER B 61 53.84 -15.32 5.33
C SER B 61 55.17 -14.62 5.08
N MET B 62 55.73 -14.71 3.87
CA MET B 62 56.86 -13.87 3.48
C MET B 62 56.40 -12.60 2.77
N GLY B 63 55.10 -12.53 2.45
CA GLY B 63 54.35 -11.34 2.18
C GLY B 63 54.93 -10.17 1.42
N ILE B 64 55.29 -10.29 0.15
CA ILE B 64 55.88 -9.19 -0.62
C ILE B 64 55.12 -7.87 -0.44
N ALA B 65 53.80 -7.93 -0.34
CA ALA B 65 52.99 -6.72 -0.25
C ALA B 65 53.33 -5.91 1.01
N ARG B 66 53.37 -6.55 2.16
CA ARG B 66 53.49 -5.82 3.43
C ARG B 66 54.76 -4.99 3.57
N PRO B 67 55.97 -5.45 3.24
CA PRO B 67 57.12 -4.54 3.28
C PRO B 67 56.97 -3.32 2.40
N VAL B 68 56.44 -3.48 1.18
CA VAL B 68 56.23 -2.32 0.32
C VAL B 68 55.13 -1.43 0.89
N MET B 69 54.11 -2.05 1.49
CA MET B 69 53.07 -1.28 2.18
C MET B 69 53.66 -0.44 3.32
N GLU B 70 54.63 -0.97 4.05
CA GLU B 70 55.19 -0.22 5.17
C GLU B 70 56.05 0.95 4.71
N VAL B 71 56.78 0.77 3.62
CA VAL B 71 57.65 1.84 3.14
C VAL B 71 56.82 2.95 2.52
N TYR B 72 56.02 2.61 1.51
CA TYR B 72 55.09 3.58 0.94
C TYR B 72 53.74 3.31 1.57
N PRO B 73 53.23 4.17 2.44
CA PRO B 73 51.99 3.84 3.15
C PRO B 73 50.75 3.83 2.26
N LEU B 74 50.83 4.42 1.07
CA LEU B 74 49.68 4.60 0.20
C LEU B 74 49.65 3.58 -0.94
N ALA B 75 50.50 2.55 -0.88
CA ALA B 75 50.68 1.63 -2.00
C ALA B 75 49.57 0.61 -2.14
N TRP B 76 48.58 0.59 -1.23
CA TRP B 76 47.41 -0.24 -1.47
C TRP B 76 46.61 0.24 -2.69
N ILE B 77 46.74 1.51 -3.08
CA ILE B 77 46.06 2.02 -4.26
C ILE B 77 46.47 1.26 -5.52
N PHE B 78 47.57 0.51 -5.46
CA PHE B 78 47.99 -0.40 -6.51
C PHE B 78 47.84 -1.88 -6.18
N PHE B 79 48.20 -2.32 -4.98
CA PHE B 79 48.07 -3.74 -4.68
C PHE B 79 46.63 -4.18 -4.52
N VAL B 80 45.72 -3.28 -4.13
CA VAL B 80 44.31 -3.66 -4.00
C VAL B 80 43.66 -3.78 -5.37
N PRO B 81 43.68 -2.74 -6.24
CA PRO B 81 42.99 -2.89 -7.54
C PRO B 81 43.54 -4.03 -8.39
N PHE B 82 44.85 -4.25 -8.37
CA PHE B 82 45.42 -5.40 -9.06
C PHE B 82 44.79 -6.71 -8.59
N ILE B 83 44.80 -6.95 -7.28
CA ILE B 83 44.25 -8.20 -6.76
C ILE B 83 42.77 -8.31 -7.07
N LEU B 84 42.05 -7.20 -7.12
CA LEU B 84 40.62 -7.25 -7.41
C LEU B 84 40.37 -7.60 -8.88
N ILE B 85 40.92 -6.80 -9.81
CA ILE B 85 40.63 -7.02 -11.22
C ILE B 85 41.12 -8.39 -11.68
N SER B 86 42.31 -8.81 -11.23
CA SER B 86 42.87 -10.07 -11.67
C SER B 86 42.21 -11.27 -11.02
N SER B 87 41.55 -11.10 -9.87
CA SER B 87 40.72 -12.16 -9.32
C SER B 87 39.37 -12.19 -10.01
N PHE B 88 38.81 -11.02 -10.30
CA PHE B 88 37.51 -10.93 -10.97
C PHE B 88 37.57 -11.51 -12.37
N MET B 89 38.72 -11.40 -13.04
CA MET B 89 38.86 -11.98 -14.38
C MET B 89 38.89 -13.50 -14.31
N VAL B 90 39.69 -14.06 -13.39
CA VAL B 90 39.74 -15.51 -13.23
C VAL B 90 38.38 -16.06 -12.83
N LEU B 91 37.62 -15.29 -12.03
CA LEU B 91 36.25 -15.68 -11.72
C LEU B 91 35.39 -15.74 -12.98
N ASN B 92 35.56 -14.75 -13.87
CA ASN B 92 34.78 -14.72 -15.11
C ASN B 92 35.14 -15.85 -16.05
N LEU B 93 36.30 -16.49 -15.85
CA LEU B 93 36.63 -17.68 -16.62
C LEU B 93 35.75 -18.85 -16.21
N PHE B 94 35.55 -19.04 -14.91
CA PHE B 94 34.68 -20.12 -14.42
C PHE B 94 33.22 -19.79 -14.62
N ILE B 95 32.83 -18.53 -14.38
CA ILE B 95 31.44 -18.12 -14.60
C ILE B 95 31.02 -18.38 -16.03
N ALA B 96 31.89 -18.07 -17.00
CA ALA B 96 31.53 -18.24 -18.40
C ALA B 96 31.26 -19.70 -18.73
N ILE B 97 31.96 -20.63 -18.10
CA ILE B 97 31.70 -22.05 -18.34
C ILE B 97 30.44 -22.49 -17.61
N ILE B 98 30.21 -21.96 -16.39
CA ILE B 98 28.98 -22.26 -15.66
C ILE B 98 27.77 -21.81 -16.47
N VAL B 99 27.81 -20.58 -16.98
CA VAL B 99 26.71 -20.06 -17.79
C VAL B 99 26.52 -20.93 -19.03
N SER B 100 27.61 -21.20 -19.76
CA SER B 100 27.53 -21.98 -20.99
C SER B 100 26.83 -23.31 -20.78
N ALA B 101 27.10 -23.98 -19.66
CA ALA B 101 26.49 -25.28 -19.40
C ALA B 101 25.01 -25.12 -19.08
N THR B 102 24.67 -24.30 -18.08
CA THR B 102 23.28 -24.15 -17.68
C THR B 102 22.45 -23.46 -18.75
N GLN B 103 23.08 -22.61 -19.57
CA GLN B 103 22.37 -22.01 -20.70
C GLN B 103 21.87 -23.08 -21.65
N GLU B 104 22.66 -24.13 -21.85
CA GLU B 104 22.27 -25.20 -22.77
C GLU B 104 21.09 -26.00 -22.22
N VAL B 105 21.12 -26.31 -20.92
CA VAL B 105 20.04 -27.10 -20.33
C VAL B 105 18.72 -26.36 -20.42
N HIS B 106 18.73 -25.06 -20.08
CA HIS B 106 17.52 -24.25 -20.18
C HIS B 106 16.96 -24.26 -21.60
N GLU B 107 17.84 -24.27 -22.61
CA GLU B 107 17.40 -24.24 -23.99
C GLU B 107 16.91 -25.58 -24.49
N SER B 108 17.27 -26.67 -23.81
CA SER B 108 16.76 -28.00 -24.17
C SER B 108 15.42 -28.26 -23.49
N GLU B 109 15.29 -27.88 -22.21
CA GLU B 109 14.00 -27.94 -21.53
C GLU B 109 12.98 -27.00 -22.18
N GLN B 110 13.46 -26.03 -22.97
CA GLN B 110 12.58 -25.08 -23.61
C GLN B 110 11.79 -25.74 -24.75
N ARG B 111 12.43 -26.64 -25.49
CA ARG B 111 11.72 -27.43 -26.50
C ARG B 111 10.81 -28.47 -25.86
N ALA B 112 11.39 -29.39 -25.07
CA ALA B 112 10.64 -30.52 -24.54
C ALA B 112 9.37 -30.10 -23.81
N GLU B 113 9.27 -28.83 -23.42
CA GLU B 113 8.03 -28.29 -22.88
C GLU B 113 7.14 -27.70 -23.96
N ARG B 114 7.73 -27.20 -25.05
CA ARG B 114 6.95 -26.67 -26.16
C ARG B 114 6.46 -27.76 -27.11
N GLU B 115 7.17 -28.89 -27.19
CA GLU B 115 6.67 -30.03 -27.96
C GLU B 115 5.58 -30.77 -27.21
N ALA B 116 5.70 -30.86 -25.88
CA ALA B 116 4.62 -31.44 -25.08
C ALA B 116 3.32 -30.67 -25.29
N ASN B 117 3.39 -29.34 -25.31
CA ASN B 117 2.19 -28.54 -25.49
C ASN B 117 1.61 -28.71 -26.89
N ASN B 118 2.46 -28.71 -27.92
CA ASN B 118 1.99 -28.99 -29.27
C ASN B 118 1.41 -30.40 -29.39
N LEU B 119 2.01 -31.36 -28.68
CA LEU B 119 1.48 -32.72 -28.70
C LEU B 119 0.09 -32.78 -28.07
N ILE B 120 -0.04 -32.25 -26.85
CA ILE B 120 -1.32 -32.29 -26.14
C ILE B 120 -2.40 -31.61 -26.96
N ALA B 121 -2.07 -30.52 -27.65
CA ALA B 121 -3.04 -29.84 -28.50
C ALA B 121 -3.43 -30.74 -29.68
N HIS B 122 -2.44 -31.27 -30.40
CA HIS B 122 -2.74 -32.15 -31.53
C HIS B 122 -3.56 -33.36 -31.13
N ASP B 123 -3.36 -33.87 -29.93
CA ASP B 123 -4.14 -35.02 -29.48
C ASP B 123 -5.51 -34.63 -28.94
N GLU B 124 -5.61 -33.47 -28.27
CA GLU B 124 -6.91 -33.01 -27.80
C GLU B 124 -7.83 -32.64 -28.96
N ARG B 125 -7.29 -32.09 -30.04
CA ARG B 125 -8.10 -31.84 -31.23
C ARG B 125 -8.50 -33.14 -31.91
N GLN B 126 -7.57 -34.10 -31.99
CA GLN B 126 -7.85 -35.36 -32.66
C GLN B 126 -8.94 -36.14 -31.91
N GLU B 127 -8.92 -36.06 -30.58
CA GLU B 127 -9.98 -36.67 -29.78
C GLU B 127 -11.32 -36.00 -30.07
N MET B 128 -11.34 -34.68 -30.13
CA MET B 128 -12.57 -33.95 -30.44
C MET B 128 -13.07 -34.29 -31.83
N LEU B 129 -12.16 -34.41 -32.79
CA LEU B 129 -12.57 -34.50 -34.19
C LEU B 129 -13.14 -35.88 -34.47
N ASP B 130 -12.55 -36.93 -33.90
CA ASP B 130 -13.14 -38.26 -33.99
C ASP B 130 -14.52 -38.29 -33.36
N LEU B 131 -14.65 -37.71 -32.17
CA LEU B 131 -15.93 -37.62 -31.49
C LEU B 131 -16.95 -36.89 -32.38
N MET B 132 -16.46 -35.99 -33.25
CA MET B 132 -17.37 -35.28 -34.16
C MET B 132 -17.92 -36.21 -35.23
N ARG B 133 -17.03 -36.88 -35.96
CA ARG B 133 -17.43 -37.71 -37.08
C ARG B 133 -18.43 -38.77 -36.64
N ALA B 134 -18.17 -39.38 -35.47
CA ALA B 134 -19.09 -40.37 -34.91
C ALA B 134 -20.47 -39.76 -34.67
N MET B 135 -20.53 -38.51 -34.23
CA MET B 135 -21.82 -37.86 -34.06
C MET B 135 -22.47 -37.56 -35.41
N HIS B 136 -21.69 -37.02 -36.35
CA HIS B 136 -22.23 -36.72 -37.66
C HIS B 136 -22.85 -37.95 -38.30
N ALA B 137 -22.27 -39.14 -38.06
CA ALA B 137 -22.84 -40.37 -38.60
C ALA B 137 -24.17 -40.69 -37.94
N LYS B 138 -24.22 -40.66 -36.61
CA LYS B 138 -25.47 -40.94 -35.90
C LYS B 138 -26.56 -39.96 -36.26
N ILE B 139 -26.22 -38.70 -36.59
CA ILE B 139 -27.26 -37.77 -36.99
C ILE B 139 -27.84 -38.15 -38.34
N VAL B 140 -26.97 -38.52 -39.29
CA VAL B 140 -27.45 -38.97 -40.59
C VAL B 140 -28.39 -40.15 -40.41
N ALA B 141 -28.01 -41.09 -39.54
CA ALA B 141 -28.89 -42.21 -39.21
C ALA B 141 -30.16 -41.78 -38.48
N LEU B 142 -30.14 -40.63 -37.79
CA LEU B 142 -31.41 -40.06 -37.31
C LEU B 142 -32.28 -39.58 -38.45
N GLU B 143 -31.69 -38.95 -39.45
CA GLU B 143 -32.47 -38.34 -40.51
C GLU B 143 -32.92 -39.36 -41.55
N GLN B 144 -32.53 -40.63 -41.39
CA GLN B 144 -33.01 -41.68 -42.27
C GLN B 144 -34.24 -42.36 -41.71
N GLN B 145 -34.31 -42.47 -40.38
CA GLN B 145 -35.56 -42.77 -39.71
C GLN B 145 -36.67 -41.82 -40.15
N GLY B 146 -36.31 -40.59 -40.50
CA GLY B 146 -37.30 -39.57 -40.79
C GLY B 146 -37.86 -39.60 -42.19
N LYS B 147 -37.07 -40.07 -43.15
CA LYS B 147 -37.51 -40.08 -44.56
C LYS B 147 -38.78 -40.88 -44.76
N GLU C 2 21.75 -15.41 -10.70
CA GLU C 2 22.14 -16.01 -11.99
C GLU C 2 21.53 -15.31 -13.20
N SER C 3 21.35 -13.99 -13.07
CA SER C 3 21.03 -13.14 -14.21
C SER C 3 22.01 -11.96 -14.27
N LEU C 4 22.44 -11.49 -13.09
CA LEU C 4 23.55 -10.55 -13.02
C LEU C 4 24.88 -11.27 -13.21
N MET C 5 25.02 -12.46 -12.61
CA MET C 5 26.26 -13.21 -12.73
C MET C 5 26.57 -13.54 -14.19
N GLN C 6 25.56 -13.51 -15.05
CA GLN C 6 25.75 -13.71 -16.48
C GLN C 6 26.51 -12.56 -17.13
N ALA C 7 26.31 -11.33 -16.62
CA ALA C 7 26.82 -10.12 -17.25
C ALA C 7 28.19 -9.68 -16.73
N LEU C 8 28.78 -10.43 -15.79
CA LEU C 8 30.04 -10.01 -15.18
C LEU C 8 31.23 -10.05 -16.12
N PRO C 9 31.39 -11.07 -16.98
CA PRO C 9 32.53 -11.03 -17.91
C PRO C 9 32.57 -9.79 -18.79
N GLY C 10 31.41 -9.29 -19.22
CA GLY C 10 31.39 -8.05 -19.96
C GLY C 10 31.76 -6.86 -19.11
N ILE C 11 31.33 -6.85 -17.85
CA ILE C 11 31.75 -5.83 -16.89
C ILE C 11 33.26 -5.78 -16.79
N GLY C 12 33.91 -6.95 -16.71
CA GLY C 12 35.35 -6.98 -16.58
C GLY C 12 36.06 -6.49 -17.82
N TRP C 13 35.53 -6.84 -19.00
CA TRP C 13 36.12 -6.38 -20.25
C TRP C 13 36.13 -4.86 -20.31
N THR C 14 35.03 -4.22 -19.91
CA THR C 14 35.01 -2.76 -19.83
C THR C 14 35.98 -2.26 -18.77
N ALA C 15 35.95 -2.86 -17.58
CA ALA C 15 36.85 -2.44 -16.51
C ALA C 15 38.31 -2.65 -16.92
N ALA C 16 38.61 -3.78 -17.55
CA ALA C 16 39.98 -4.04 -17.98
C ALA C 16 40.43 -3.04 -19.02
N LEU C 17 39.64 -2.87 -20.09
CA LEU C 17 39.99 -1.92 -21.13
C LEU C 17 40.00 -0.48 -20.61
N LEU C 18 39.29 -0.19 -19.53
CA LEU C 18 39.35 1.13 -18.92
C LEU C 18 40.72 1.39 -18.33
N LEU C 19 41.25 0.44 -17.54
CA LEU C 19 42.60 0.58 -17.01
C LEU C 19 43.63 0.62 -18.12
N MET C 20 43.36 -0.06 -19.24
CA MET C 20 44.26 0.04 -20.38
C MET C 20 44.32 1.46 -20.92
N MET C 21 43.22 2.21 -20.79
CA MET C 21 43.21 3.58 -21.28
C MET C 21 44.06 4.49 -20.40
N PHE C 22 44.00 4.33 -19.08
CA PHE C 22 44.88 5.13 -18.24
C PHE C 22 46.34 4.82 -18.54
N TYR C 23 46.67 3.54 -18.76
CA TYR C 23 48.06 3.17 -19.00
C TYR C 23 48.61 3.82 -20.26
N ILE C 24 47.90 3.71 -21.39
CA ILE C 24 48.44 4.21 -22.64
C ILE C 24 48.43 5.73 -22.67
N PHE C 25 47.37 6.35 -22.15
CA PHE C 25 47.35 7.81 -22.07
C PHE C 25 48.36 8.36 -21.07
N ALA C 26 48.78 7.57 -20.08
CA ALA C 26 49.86 8.00 -19.19
C ALA C 26 51.21 7.89 -19.88
N VAL C 27 51.48 6.74 -20.52
CA VAL C 27 52.69 6.60 -21.31
C VAL C 27 52.75 7.70 -22.37
N MET C 28 51.60 8.02 -22.95
CA MET C 28 51.57 9.05 -23.98
C MET C 28 51.66 10.44 -23.35
N GLY C 29 51.02 10.64 -22.19
CA GLY C 29 51.13 11.91 -21.50
C GLY C 29 52.55 12.21 -21.06
N THR C 30 53.29 11.17 -20.66
CA THR C 30 54.68 11.36 -20.25
C THR C 30 55.54 11.86 -21.41
N GLU C 31 55.40 11.24 -22.58
CA GLU C 31 56.08 11.71 -23.77
C GLU C 31 55.77 13.17 -24.07
N LEU C 32 54.49 13.46 -24.28
CA LEU C 32 54.10 14.73 -24.88
C LEU C 32 54.46 15.92 -24.00
N PHE C 33 54.33 15.76 -22.68
CA PHE C 33 54.25 16.90 -21.77
C PHE C 33 55.30 16.89 -20.68
N GLY C 34 55.67 15.71 -20.16
CA GLY C 34 56.54 15.61 -18.99
C GLY C 34 57.80 16.45 -19.08
N GLU C 35 58.29 16.68 -20.29
CA GLU C 35 59.43 17.55 -20.51
C GLU C 35 59.19 18.94 -19.92
N ALA C 36 58.04 19.53 -20.26
CA ALA C 36 57.66 20.87 -19.80
C ALA C 36 56.89 20.87 -18.48
N PHE C 37 56.36 19.72 -18.07
CA PHE C 37 55.56 19.61 -16.85
C PHE C 37 56.01 18.40 -16.05
N PRO C 38 57.21 18.45 -15.46
CA PRO C 38 57.70 17.28 -14.71
C PRO C 38 56.86 16.95 -13.49
N GLN C 39 56.23 17.96 -12.89
CA GLN C 39 55.42 17.75 -11.70
C GLN C 39 54.21 16.88 -11.96
N TRP C 40 53.60 17.00 -13.13
CA TRP C 40 52.33 16.39 -13.46
C TRP C 40 52.49 15.16 -14.33
N PHE C 41 53.39 15.22 -15.32
CA PHE C 41 53.56 14.16 -16.30
C PHE C 41 55.02 13.71 -16.39
N GLY C 42 55.84 14.07 -15.41
CA GLY C 42 57.27 13.78 -15.49
C GLY C 42 57.61 12.31 -15.38
N SER C 43 56.82 11.56 -14.61
CA SER C 43 56.98 10.12 -14.49
C SER C 43 55.70 9.43 -14.94
N LEU C 44 55.79 8.12 -15.15
CA LEU C 44 54.61 7.35 -15.52
C LEU C 44 53.59 7.35 -14.40
N GLY C 45 54.06 7.30 -13.15
CA GLY C 45 53.15 7.38 -12.01
C GLY C 45 52.47 8.73 -11.92
N ALA C 46 53.23 9.81 -12.05
CA ALA C 46 52.65 11.15 -12.01
C ALA C 46 51.62 11.34 -13.11
N SER C 47 51.87 10.77 -14.30
CA SER C 47 50.91 10.87 -15.39
C SER C 47 49.60 10.16 -15.05
N ILE C 48 49.70 8.94 -14.52
CA ILE C 48 48.54 8.15 -14.16
C ILE C 48 47.69 8.91 -13.14
N TYR C 49 48.32 9.70 -12.28
CA TYR C 49 47.62 10.36 -11.18
C TYR C 49 47.00 11.67 -11.63
N SER C 50 47.71 12.44 -12.46
CA SER C 50 47.12 13.66 -13.01
C SER C 50 45.95 13.35 -13.94
N LEU C 51 46.02 12.23 -14.66
CA LEU C 51 44.88 11.80 -15.46
C LEU C 51 43.71 11.42 -14.56
N PHE C 52 44.00 10.69 -13.48
CA PHE C 52 42.95 10.32 -12.52
C PHE C 52 42.34 11.55 -11.86
N GLN C 53 43.16 12.57 -11.57
CA GLN C 53 42.61 13.81 -11.02
C GLN C 53 41.72 14.52 -12.03
N ILE C 54 42.12 14.52 -13.30
CA ILE C 54 41.29 15.15 -14.34
C ILE C 54 39.90 14.51 -14.39
N MET C 55 39.84 13.19 -14.30
CA MET C 55 38.56 12.50 -14.41
C MET C 55 37.67 12.78 -13.21
N THR C 56 38.25 12.84 -12.01
CA THR C 56 37.48 13.05 -10.79
C THR C 56 37.26 14.52 -10.47
N LEU C 57 37.47 15.40 -11.45
CA LEU C 57 37.13 16.83 -11.36
C LEU C 57 37.84 17.53 -10.22
N GLU C 58 38.94 16.96 -9.71
CA GLU C 58 39.79 17.66 -8.75
C GLU C 58 40.78 18.58 -9.46
N SER C 59 40.57 18.81 -10.75
CA SER C 59 41.29 19.74 -11.60
C SER C 59 40.30 20.67 -12.26
N TRP C 60 39.40 21.24 -11.46
CA TRP C 60 38.28 22.02 -11.96
C TRP C 60 38.37 23.50 -11.63
N SER C 61 39.12 23.86 -10.60
CA SER C 61 39.57 25.23 -10.34
C SER C 61 41.08 25.36 -10.30
N MET C 62 41.78 24.34 -9.81
CA MET C 62 43.21 24.20 -10.03
C MET C 62 43.46 23.19 -11.15
N GLY C 63 42.81 23.47 -12.29
CA GLY C 63 42.71 22.59 -13.43
C GLY C 63 43.96 22.31 -14.23
N ILE C 64 44.51 21.11 -14.03
CA ILE C 64 45.76 20.69 -14.68
C ILE C 64 45.68 20.87 -16.19
N ALA C 65 44.51 20.62 -16.77
CA ALA C 65 44.38 20.68 -18.23
C ALA C 65 44.70 22.06 -18.77
N ARG C 66 44.17 23.11 -18.14
CA ARG C 66 44.24 24.45 -18.71
C ARG C 66 45.67 24.95 -18.91
N PRO C 67 46.57 24.89 -17.92
CA PRO C 67 47.96 25.32 -18.17
C PRO C 67 48.63 24.57 -19.30
N VAL C 68 48.44 23.26 -19.40
CA VAL C 68 49.03 22.51 -20.50
C VAL C 68 48.37 22.90 -21.82
N MET C 69 47.06 23.16 -21.79
CA MET C 69 46.37 23.67 -22.97
C MET C 69 46.96 25.01 -23.42
N GLU C 70 47.38 25.83 -22.47
CA GLU C 70 47.84 27.19 -22.75
C GLU C 70 49.31 27.25 -23.18
N VAL C 71 50.06 26.16 -23.00
CA VAL C 71 51.42 26.06 -23.49
C VAL C 71 51.42 25.40 -24.86
N TYR C 72 50.86 24.19 -24.93
CA TYR C 72 50.68 23.54 -26.22
C TYR C 72 49.24 23.79 -26.65
N PRO C 73 48.99 24.63 -27.66
CA PRO C 73 47.60 24.99 -27.98
C PRO C 73 46.80 23.83 -28.56
N LEU C 74 47.45 22.77 -29.03
CA LEU C 74 46.80 21.68 -29.73
C LEU C 74 46.60 20.45 -28.84
N ALA C 75 46.81 20.59 -27.54
CA ALA C 75 46.83 19.44 -26.63
C ALA C 75 45.45 18.92 -26.28
N TRP C 76 44.37 19.57 -26.74
CA TRP C 76 43.05 18.96 -26.60
C TRP C 76 42.92 17.65 -27.37
N ILE C 77 43.73 17.46 -28.42
CA ILE C 77 43.71 16.22 -29.19
C ILE C 77 44.04 15.01 -28.31
N PHE C 78 44.58 15.24 -27.12
CA PHE C 78 44.79 14.20 -26.12
C PHE C 78 43.89 14.31 -24.90
N PHE C 79 43.67 15.51 -24.35
CA PHE C 79 42.82 15.60 -23.18
C PHE C 79 41.35 15.36 -23.50
N VAL C 80 40.90 15.63 -24.72
CA VAL C 80 39.51 15.38 -25.07
C VAL C 80 39.26 13.89 -25.28
N PRO C 81 39.98 13.18 -26.16
CA PRO C 81 39.69 11.76 -26.36
C PRO C 81 39.83 10.93 -25.08
N PHE C 82 40.82 11.23 -24.25
CA PHE C 82 40.96 10.55 -22.97
C PHE C 82 39.69 10.69 -22.13
N ILE C 83 39.23 11.93 -21.93
CA ILE C 83 38.05 12.16 -21.11
C ILE C 83 36.82 11.50 -21.72
N LEU C 84 36.75 11.41 -23.06
CA LEU C 84 35.62 10.79 -23.70
C LEU C 84 35.62 9.27 -23.49
N ILE C 85 36.69 8.60 -23.92
CA ILE C 85 36.73 7.15 -23.86
C ILE C 85 36.61 6.66 -22.41
N SER C 86 37.30 7.31 -21.48
CA SER C 86 37.30 6.87 -20.09
C SER C 86 36.00 7.20 -19.37
N SER C 87 35.23 8.18 -19.85
CA SER C 87 33.88 8.38 -19.33
C SER C 87 32.90 7.39 -19.96
N PHE C 88 33.06 7.13 -21.25
CA PHE C 88 32.19 6.18 -21.95
C PHE C 88 32.34 4.77 -21.41
N MET C 89 33.54 4.40 -20.94
CA MET C 89 33.73 3.08 -20.35
C MET C 89 33.03 2.97 -19.00
N VAL C 90 33.20 3.98 -18.14
CA VAL C 90 32.51 3.98 -16.85
C VAL C 90 31.00 3.98 -17.04
N LEU C 91 30.52 4.66 -18.08
CA LEU C 91 29.10 4.60 -18.41
C LEU C 91 28.69 3.16 -18.76
N ASN C 92 29.52 2.46 -19.54
CA ASN C 92 29.20 1.10 -19.93
C ASN C 92 29.23 0.14 -18.74
N LEU C 93 29.85 0.53 -17.64
CA LEU C 93 29.76 -0.29 -16.42
C LEU C 93 28.36 -0.23 -15.83
N PHE C 94 27.76 0.95 -15.78
CA PHE C 94 26.41 1.09 -15.26
C PHE C 94 25.37 0.59 -16.26
N ILE C 95 25.57 0.88 -17.55
CA ILE C 95 24.66 0.40 -18.57
C ILE C 95 24.56 -1.12 -18.54
N ALA C 96 25.69 -1.80 -18.37
CA ALA C 96 25.69 -3.26 -18.39
C ALA C 96 24.85 -3.84 -17.25
N ILE C 97 24.84 -3.17 -16.09
CA ILE C 97 24.02 -3.62 -14.98
C ILE C 97 22.55 -3.26 -15.22
N ILE C 98 22.29 -2.09 -15.79
CA ILE C 98 20.93 -1.71 -16.14
C ILE C 98 20.33 -2.72 -17.11
N VAL C 99 21.07 -3.05 -18.17
CA VAL C 99 20.60 -4.03 -19.14
C VAL C 99 20.36 -5.37 -18.46
N SER C 100 21.34 -5.85 -17.70
CA SER C 100 21.24 -7.15 -17.04
C SER C 100 19.97 -7.27 -16.21
N ALA C 101 19.58 -6.21 -15.50
CA ALA C 101 18.39 -6.25 -14.68
C ALA C 101 17.13 -6.28 -15.52
N THR C 102 16.97 -5.29 -16.42
CA THR C 102 15.76 -5.22 -17.24
C THR C 102 15.67 -6.36 -18.24
N GLN C 103 16.81 -6.91 -18.66
CA GLN C 103 16.80 -8.09 -19.52
C GLN C 103 16.12 -9.25 -18.81
N GLU C 104 16.35 -9.39 -17.50
CA GLU C 104 15.76 -10.49 -16.75
C GLU C 104 14.25 -10.34 -16.63
N VAL C 105 13.78 -9.12 -16.36
CA VAL C 105 12.34 -8.88 -16.19
C VAL C 105 11.61 -9.20 -17.49
N HIS C 106 12.13 -8.71 -18.62
CA HIS C 106 11.52 -9.00 -19.91
C HIS C 106 11.42 -10.50 -20.16
N GLU C 107 12.42 -11.27 -19.72
CA GLU C 107 12.43 -12.71 -19.95
C GLU C 107 11.52 -13.46 -18.99
N SER C 108 11.13 -12.86 -17.87
CA SER C 108 10.17 -13.48 -16.97
C SER C 108 8.74 -13.16 -17.40
N GLU C 109 8.47 -11.92 -17.80
CA GLU C 109 7.18 -11.58 -18.39
C GLU C 109 6.94 -12.32 -19.70
N GLN C 110 8.00 -12.85 -20.31
CA GLN C 110 7.88 -13.57 -21.56
C GLN C 110 7.20 -14.92 -21.34
N ARG C 111 7.52 -15.60 -20.23
CA ARG C 111 6.82 -16.84 -19.88
C ARG C 111 5.39 -16.57 -19.42
N ALA C 112 5.24 -15.78 -18.35
CA ALA C 112 3.93 -15.58 -17.72
C ALA C 112 2.87 -15.12 -18.71
N GLU C 113 3.28 -14.62 -19.87
CA GLU C 113 2.34 -14.32 -20.95
C GLU C 113 2.16 -15.51 -21.90
N ARG C 114 3.18 -16.36 -22.03
CA ARG C 114 3.06 -17.55 -22.87
C ARG C 114 2.38 -18.71 -22.15
N GLU C 115 2.47 -18.75 -20.81
CA GLU C 115 1.72 -19.74 -20.05
C GLU C 115 0.25 -19.37 -19.94
N ALA C 116 -0.04 -18.08 -19.82
CA ALA C 116 -1.43 -17.62 -19.84
C ALA C 116 -2.11 -18.03 -21.13
N ASN C 117 -1.41 -17.88 -22.26
CA ASN C 117 -2.01 -18.24 -23.55
C ASN C 117 -2.20 -19.74 -23.67
N ASN C 118 -1.22 -20.54 -23.24
CA ASN C 118 -1.38 -21.98 -23.21
C ASN C 118 -2.50 -22.40 -22.27
N LEU C 119 -2.64 -21.70 -21.14
CA LEU C 119 -3.72 -22.00 -20.21
C LEU C 119 -5.09 -21.73 -20.84
N ILE C 120 -5.26 -20.52 -21.37
CA ILE C 120 -6.55 -20.15 -21.97
C ILE C 120 -6.93 -21.11 -23.08
N ALA C 121 -5.95 -21.57 -23.86
CA ALA C 121 -6.22 -22.55 -24.91
C ALA C 121 -6.66 -23.88 -24.32
N HIS C 122 -5.86 -24.43 -23.40
CA HIS C 122 -6.21 -25.67 -22.70
C HIS C 122 -7.63 -25.62 -22.15
N ASP C 123 -8.02 -24.48 -21.57
CA ASP C 123 -9.32 -24.38 -20.93
C ASP C 123 -10.44 -24.11 -21.94
N GLU C 124 -10.15 -23.36 -23.00
CA GLU C 124 -11.15 -23.15 -24.04
C GLU C 124 -11.46 -24.43 -24.80
N ARG C 125 -10.46 -25.29 -24.99
CA ARG C 125 -10.71 -26.59 -25.60
C ARG C 125 -11.47 -27.50 -24.65
N GLN C 126 -11.12 -27.49 -23.36
CA GLN C 126 -11.78 -28.34 -22.39
C GLN C 126 -13.25 -27.96 -22.24
N GLU C 127 -13.56 -26.66 -22.31
CA GLU C 127 -14.94 -26.22 -22.31
C GLU C 127 -15.69 -26.73 -23.54
N MET C 128 -15.06 -26.64 -24.71
CA MET C 128 -15.66 -27.14 -25.94
C MET C 128 -15.89 -28.64 -25.86
N LEU C 129 -14.91 -29.37 -25.32
CA LEU C 129 -14.95 -30.82 -25.41
C LEU C 129 -16.00 -31.40 -24.47
N ASP C 130 -16.15 -30.82 -23.28
CA ASP C 130 -17.24 -31.21 -22.40
C ASP C 130 -18.58 -30.96 -23.05
N LEU C 131 -18.75 -29.78 -23.64
CA LEU C 131 -19.98 -29.44 -24.35
C LEU C 131 -20.21 -30.36 -25.54
N MET C 132 -19.16 -31.00 -26.06
CA MET C 132 -19.34 -32.01 -27.09
C MET C 132 -19.97 -33.28 -26.51
N ARG C 133 -19.35 -33.84 -25.47
CA ARG C 133 -19.79 -35.12 -24.95
C ARG C 133 -21.24 -35.06 -24.51
N ALA C 134 -21.62 -33.96 -23.86
CA ALA C 134 -23.00 -33.75 -23.45
C ALA C 134 -23.94 -33.76 -24.65
N MET C 135 -23.49 -33.20 -25.77
CA MET C 135 -24.30 -33.23 -27.00
C MET C 135 -24.38 -34.65 -27.55
N HIS C 136 -23.25 -35.34 -27.61
CA HIS C 136 -23.22 -36.71 -28.14
C HIS C 136 -24.15 -37.62 -27.34
N ALA C 137 -24.27 -37.39 -26.04
CA ALA C 137 -25.18 -38.19 -25.23
C ALA C 137 -26.63 -37.94 -25.60
N LYS C 138 -27.02 -36.65 -25.67
CA LYS C 138 -28.39 -36.32 -26.01
C LYS C 138 -28.74 -36.73 -27.44
N ILE C 139 -27.76 -36.90 -28.32
CA ILE C 139 -28.06 -37.41 -29.65
C ILE C 139 -28.38 -38.89 -29.60
N VAL C 140 -27.59 -39.65 -28.84
CA VAL C 140 -27.88 -41.06 -28.66
C VAL C 140 -29.28 -41.23 -28.08
N ALA C 141 -29.62 -40.43 -27.07
CA ALA C 141 -30.97 -40.45 -26.52
C ALA C 141 -32.02 -40.00 -27.52
N LEU C 142 -31.62 -39.25 -28.55
CA LEU C 142 -32.56 -38.91 -29.61
C LEU C 142 -32.76 -40.07 -30.57
N GLU C 143 -31.74 -40.90 -30.75
CA GLU C 143 -31.83 -42.05 -31.64
C GLU C 143 -32.44 -43.27 -30.95
N GLN C 144 -32.74 -43.17 -29.66
CA GLN C 144 -33.38 -44.27 -28.95
C GLN C 144 -34.90 -44.18 -28.98
N GLN C 145 -35.46 -42.98 -28.94
CA GLN C 145 -36.89 -42.91 -29.24
C GLN C 145 -37.15 -43.42 -30.64
N GLY C 146 -36.19 -43.24 -31.55
CA GLY C 146 -36.40 -43.61 -32.94
C GLY C 146 -36.52 -45.11 -33.16
N LYS C 147 -35.84 -45.91 -32.35
CA LYS C 147 -35.82 -47.36 -32.53
C LYS C 147 -37.22 -47.95 -32.46
N VAL D 1 16.66 4.89 -25.39
CA VAL D 1 15.85 3.79 -24.91
C VAL D 1 16.51 2.44 -25.24
N GLU D 2 16.39 1.47 -24.33
CA GLU D 2 17.22 0.26 -24.44
C GLU D 2 16.90 -0.67 -25.61
N SER D 3 17.24 -0.25 -26.82
CA SER D 3 17.66 -1.24 -27.81
C SER D 3 19.02 -0.89 -28.40
N LEU D 4 19.31 0.40 -28.57
CA LEU D 4 20.67 0.83 -28.87
C LEU D 4 21.50 0.95 -27.59
N MET D 5 20.87 1.29 -26.47
CA MET D 5 21.59 1.38 -25.20
C MET D 5 22.23 0.05 -24.82
N GLN D 6 21.64 -1.07 -25.24
CA GLN D 6 22.21 -2.38 -24.99
C GLN D 6 23.53 -2.59 -25.72
N ALA D 7 23.64 -2.08 -26.94
CA ALA D 7 24.78 -2.36 -27.81
C ALA D 7 26.00 -1.48 -27.52
N LEU D 8 25.90 -0.55 -26.57
CA LEU D 8 26.97 0.40 -26.32
C LEU D 8 28.24 -0.24 -25.73
N PRO D 9 28.15 -1.18 -24.78
CA PRO D 9 29.39 -1.80 -24.28
C PRO D 9 30.22 -2.45 -25.38
N GLY D 10 29.59 -3.07 -26.37
CA GLY D 10 30.34 -3.60 -27.49
C GLY D 10 30.96 -2.51 -28.34
N ILE D 11 30.25 -1.40 -28.53
CA ILE D 11 30.80 -0.24 -29.22
C ILE D 11 32.08 0.22 -28.54
N GLY D 12 32.08 0.29 -27.21
CA GLY D 12 33.26 0.73 -26.49
C GLY D 12 34.41 -0.23 -26.61
N TRP D 13 34.13 -1.53 -26.56
CA TRP D 13 35.18 -2.53 -26.72
C TRP D 13 35.91 -2.36 -28.05
N THR D 14 35.15 -2.14 -29.12
CA THR D 14 35.76 -1.85 -30.41
C THR D 14 36.52 -0.53 -30.38
N ALA D 15 35.89 0.51 -29.84
CA ALA D 15 36.55 1.81 -29.76
C ALA D 15 37.80 1.74 -28.89
N ALA D 16 37.73 1.04 -27.76
CA ALA D 16 38.88 0.91 -26.89
C ALA D 16 40.01 0.15 -27.58
N LEU D 17 39.71 -1.03 -28.12
CA LEU D 17 40.73 -1.81 -28.82
C LEU D 17 41.24 -1.11 -30.06
N LEU D 18 40.46 -0.19 -30.64
CA LEU D 18 40.95 0.60 -31.76
C LEU D 18 42.07 1.54 -31.33
N LEU D 19 41.87 2.27 -30.23
CA LEU D 19 42.93 3.12 -29.70
C LEU D 19 44.13 2.29 -29.27
N MET D 20 43.90 1.06 -28.81
CA MET D 20 45.03 0.19 -28.49
C MET D 20 45.87 -0.10 -29.72
N MET D 21 45.24 -0.14 -30.91
CA MET D 21 45.98 -0.41 -32.13
C MET D 21 46.89 0.76 -32.51
N PHE D 22 46.39 1.99 -32.38
CA PHE D 22 47.26 3.13 -32.63
C PHE D 22 48.45 3.13 -31.68
N TYR D 23 48.21 2.82 -30.41
CA TYR D 23 49.29 2.85 -29.41
C TYR D 23 50.40 1.87 -29.76
N ILE D 24 50.05 0.61 -30.02
CA ILE D 24 51.08 -0.40 -30.22
C ILE D 24 51.77 -0.21 -31.57
N PHE D 25 51.01 0.14 -32.60
CA PHE D 25 51.63 0.43 -33.90
C PHE D 25 52.45 1.70 -33.89
N ALA D 26 52.19 2.62 -32.96
CA ALA D 26 53.05 3.80 -32.82
C ALA D 26 54.34 3.45 -32.08
N VAL D 27 54.22 2.74 -30.96
CA VAL D 27 55.40 2.22 -30.28
C VAL D 27 56.23 1.38 -31.24
N MET D 28 55.55 0.58 -32.06
CA MET D 28 56.27 -0.25 -33.01
C MET D 28 56.81 0.56 -34.18
N GLY D 29 56.05 1.57 -34.63
CA GLY D 29 56.53 2.44 -35.68
C GLY D 29 57.75 3.24 -35.28
N THR D 30 57.81 3.66 -34.00
CA THR D 30 58.96 4.40 -33.49
C THR D 30 60.23 3.56 -33.55
N GLU D 31 60.15 2.31 -33.10
CA GLU D 31 61.27 1.39 -33.20
C GLU D 31 61.75 1.25 -34.65
N LEU D 32 60.85 0.79 -35.52
CA LEU D 32 61.26 0.30 -36.83
C LEU D 32 61.86 1.42 -37.68
N PHE D 33 61.33 2.63 -37.58
CA PHE D 33 61.52 3.64 -38.60
C PHE D 33 62.11 4.95 -38.08
N GLY D 34 61.75 5.36 -36.87
CA GLY D 34 62.13 6.64 -36.30
C GLY D 34 63.60 7.02 -36.45
N GLU D 35 64.49 6.03 -36.38
CA GLU D 35 65.88 6.20 -36.75
C GLU D 35 66.05 6.94 -38.06
N ALA D 36 65.49 6.37 -39.13
CA ALA D 36 65.66 6.92 -40.47
C ALA D 36 64.65 8.00 -40.79
N PHE D 37 63.57 8.12 -40.02
CA PHE D 37 62.49 9.08 -40.28
C PHE D 37 62.11 9.77 -38.98
N PRO D 38 62.99 10.63 -38.45
CA PRO D 38 62.67 11.29 -37.17
C PRO D 38 61.47 12.23 -37.26
N GLN D 39 61.24 12.80 -38.45
CA GLN D 39 60.13 13.73 -38.63
C GLN D 39 58.78 13.07 -38.45
N TRP D 40 58.65 11.82 -38.86
CA TRP D 40 57.38 11.11 -38.92
C TRP D 40 57.19 10.13 -37.78
N PHE D 41 58.25 9.40 -37.42
CA PHE D 41 58.19 8.34 -36.43
C PHE D 41 59.24 8.53 -35.34
N GLY D 42 59.84 9.72 -35.24
CA GLY D 42 60.93 9.94 -34.32
C GLY D 42 60.52 9.91 -32.86
N SER D 43 59.31 10.35 -32.56
CA SER D 43 58.77 10.28 -31.21
C SER D 43 57.48 9.47 -31.23
N LEU D 44 57.03 9.09 -30.02
CA LEU D 44 55.79 8.34 -29.91
C LEU D 44 54.60 9.20 -30.37
N GLY D 45 54.65 10.49 -30.09
CA GLY D 45 53.60 11.38 -30.58
C GLY D 45 53.60 11.51 -32.08
N ALA D 46 54.78 11.72 -32.68
CA ALA D 46 54.88 11.81 -34.13
C ALA D 46 54.38 10.54 -34.80
N SER D 47 54.65 9.38 -34.21
CA SER D 47 54.19 8.12 -34.77
C SER D 47 52.67 8.03 -34.75
N ILE D 48 52.05 8.32 -33.60
CA ILE D 48 50.59 8.37 -33.50
C ILE D 48 49.98 9.25 -34.58
N TYR D 49 50.64 10.35 -34.92
CA TYR D 49 50.03 11.33 -35.81
C TYR D 49 50.22 10.94 -37.27
N SER D 50 51.38 10.42 -37.63
CA SER D 50 51.59 9.93 -38.99
C SER D 50 50.71 8.72 -39.28
N LEU D 51 50.47 7.87 -38.29
CA LEU D 51 49.52 6.78 -38.46
C LEU D 51 48.11 7.32 -38.67
N PHE D 52 47.72 8.32 -37.86
CA PHE D 52 46.42 8.94 -38.02
C PHE D 52 46.27 9.61 -39.38
N GLN D 53 47.34 10.23 -39.88
CA GLN D 53 47.29 10.81 -41.22
C GLN D 53 47.13 9.74 -42.29
N ILE D 54 47.82 8.61 -42.13
CA ILE D 54 47.68 7.51 -43.10
C ILE D 54 46.24 7.05 -43.19
N MET D 55 45.56 6.91 -42.05
CA MET D 55 44.20 6.42 -42.06
C MET D 55 43.23 7.41 -42.69
N THR D 56 43.43 8.71 -42.46
CA THR D 56 42.53 9.72 -42.99
C THR D 56 42.91 10.19 -44.38
N LEU D 57 43.76 9.43 -45.08
CA LEU D 57 44.08 9.64 -46.48
C LEU D 57 44.70 11.01 -46.75
N GLU D 58 45.24 11.66 -45.71
CA GLU D 58 46.02 12.87 -45.91
C GLU D 58 47.47 12.55 -46.25
N SER D 59 47.77 11.28 -46.56
CA SER D 59 49.06 10.90 -47.09
C SER D 59 48.80 10.14 -48.38
N TRP D 60 48.02 10.76 -49.26
CA TRP D 60 47.54 10.15 -50.49
C TRP D 60 48.23 10.69 -51.74
N SER D 61 48.77 11.91 -51.68
CA SER D 61 49.69 12.43 -52.69
C SER D 61 51.04 12.83 -52.12
N MET D 62 51.10 13.24 -50.85
CA MET D 62 52.38 13.38 -50.15
C MET D 62 52.84 12.05 -49.55
N GLY D 63 51.90 11.11 -49.41
CA GLY D 63 52.10 9.71 -49.08
C GLY D 63 53.19 9.25 -48.14
N ILE D 64 53.05 9.46 -46.84
CA ILE D 64 54.06 9.05 -45.86
C ILE D 64 54.50 7.60 -46.06
N ALA D 65 53.56 6.72 -46.42
CA ALA D 65 53.87 5.30 -46.56
C ALA D 65 54.93 5.05 -47.62
N ARG D 66 54.78 5.64 -48.80
CA ARG D 66 55.63 5.27 -49.93
C ARG D 66 57.12 5.57 -49.76
N PRO D 67 57.55 6.72 -49.21
CA PRO D 67 58.99 6.87 -48.94
C PRO D 67 59.54 5.83 -47.98
N VAL D 68 58.81 5.50 -46.91
CA VAL D 68 59.28 4.47 -46.00
C VAL D 68 59.26 3.11 -46.69
N MET D 69 58.26 2.88 -47.55
CA MET D 69 58.22 1.65 -48.35
C MET D 69 59.45 1.52 -49.24
N GLU D 70 59.92 2.64 -49.82
CA GLU D 70 61.06 2.54 -50.73
C GLU D 70 62.36 2.30 -49.98
N VAL D 71 62.51 2.87 -48.79
CA VAL D 71 63.75 2.68 -48.03
C VAL D 71 63.81 1.27 -47.48
N TYR D 72 62.80 0.88 -46.69
CA TYR D 72 62.71 -0.49 -46.23
C TYR D 72 61.72 -1.21 -47.14
N PRO D 73 62.16 -2.11 -48.02
CA PRO D 73 61.24 -2.69 -49.00
C PRO D 73 60.19 -3.61 -48.37
N LEU D 74 60.39 -4.05 -47.14
CA LEU D 74 59.54 -5.04 -46.49
C LEU D 74 58.57 -4.42 -45.50
N ALA D 75 58.45 -3.09 -45.49
CA ALA D 75 57.70 -2.38 -44.46
C ALA D 75 56.20 -2.45 -44.65
N TRP D 76 55.70 -3.05 -45.74
CA TRP D 76 54.27 -3.30 -45.83
C TRP D 76 53.79 -4.27 -44.76
N ILE D 77 54.68 -5.11 -44.23
CA ILE D 77 54.31 -6.04 -43.15
C ILE D 77 53.79 -5.30 -41.92
N PHE D 78 54.04 -4.00 -41.84
CA PHE D 78 53.46 -3.14 -40.81
C PHE D 78 52.41 -2.16 -41.32
N PHE D 79 52.62 -1.51 -42.46
CA PHE D 79 51.61 -0.56 -42.92
C PHE D 79 50.34 -1.25 -43.42
N VAL D 80 50.42 -2.49 -43.88
CA VAL D 80 49.23 -3.20 -44.34
C VAL D 80 48.40 -3.66 -43.14
N PRO D 81 48.93 -4.45 -42.20
CA PRO D 81 48.08 -4.91 -41.08
C PRO D 81 47.49 -3.79 -40.26
N PHE D 82 48.24 -2.70 -40.04
CA PHE D 82 47.69 -1.54 -39.36
C PHE D 82 46.45 -1.01 -40.07
N ILE D 83 46.57 -0.74 -41.38
CA ILE D 83 45.44 -0.19 -42.12
C ILE D 83 44.27 -1.16 -42.14
N LEU D 84 44.54 -2.47 -42.12
CA LEU D 84 43.47 -3.45 -42.12
C LEU D 84 42.73 -3.47 -40.79
N ILE D 85 43.45 -3.73 -39.70
CA ILE D 85 42.81 -3.87 -38.39
C ILE D 85 42.09 -2.58 -37.99
N SER D 86 42.72 -1.43 -38.22
CA SER D 86 42.14 -0.17 -37.81
C SER D 86 40.98 0.27 -38.70
N SER D 87 40.90 -0.23 -39.93
CA SER D 87 39.71 -0.01 -40.74
C SER D 87 38.60 -0.98 -40.36
N PHE D 88 38.97 -2.23 -40.07
CA PHE D 88 38.00 -3.24 -39.67
C PHE D 88 37.34 -2.89 -38.34
N MET D 89 38.06 -2.21 -37.45
CA MET D 89 37.46 -1.80 -36.18
C MET D 89 36.45 -0.68 -36.40
N VAL D 90 36.81 0.33 -37.19
CA VAL D 90 35.87 1.41 -37.48
C VAL D 90 34.64 0.89 -38.21
N LEU D 91 34.83 -0.13 -39.05
CA LEU D 91 33.68 -0.79 -39.67
C LEU D 91 32.78 -1.44 -38.62
N ASN D 92 33.39 -2.09 -37.62
CA ASN D 92 32.60 -2.74 -36.57
C ASN D 92 31.86 -1.74 -35.69
N LEU D 93 32.26 -0.47 -35.73
CA LEU D 93 31.49 0.56 -35.02
C LEU D 93 30.16 0.81 -35.73
N PHE D 94 30.18 0.90 -37.05
CA PHE D 94 28.95 1.10 -37.80
C PHE D 94 28.12 -0.17 -37.88
N ILE D 95 28.78 -1.32 -38.06
CA ILE D 95 28.06 -2.60 -38.09
C ILE D 95 27.28 -2.82 -36.81
N ALA D 96 27.89 -2.48 -35.66
CA ALA D 96 27.23 -2.72 -34.38
C ALA D 96 25.95 -1.90 -34.25
N ILE D 97 25.93 -0.69 -34.82
CA ILE D 97 24.71 0.11 -34.79
C ILE D 97 23.70 -0.39 -35.80
N ILE D 98 24.17 -0.84 -36.98
CA ILE D 98 23.27 -1.44 -37.96
C ILE D 98 22.58 -2.66 -37.38
N VAL D 99 23.35 -3.55 -36.76
CA VAL D 99 22.77 -4.74 -36.14
C VAL D 99 21.78 -4.34 -35.05
N SER D 100 22.18 -3.44 -34.15
CA SER D 100 21.33 -3.03 -33.05
C SER D 100 19.96 -2.55 -33.53
N ALA D 101 19.94 -1.81 -34.63
CA ALA D 101 18.67 -1.30 -35.14
C ALA D 101 17.82 -2.41 -35.74
N THR D 102 18.38 -3.16 -36.70
CA THR D 102 17.61 -4.21 -37.35
C THR D 102 17.29 -5.36 -36.40
N GLN D 103 18.13 -5.58 -35.39
CA GLN D 103 17.81 -6.59 -34.38
C GLN D 103 16.52 -6.24 -33.65
N GLU D 104 16.29 -4.95 -33.40
CA GLU D 104 15.09 -4.52 -32.70
C GLU D 104 13.85 -4.73 -33.56
N VAL D 105 13.92 -4.40 -34.85
CA VAL D 105 12.77 -4.55 -35.73
C VAL D 105 12.35 -6.01 -35.82
N HIS D 106 13.32 -6.90 -36.02
CA HIS D 106 13.03 -8.33 -36.08
C HIS D 106 12.34 -8.82 -34.82
N GLU D 107 12.73 -8.27 -33.66
CA GLU D 107 12.14 -8.69 -32.40
C GLU D 107 10.76 -8.11 -32.16
N SER D 108 10.40 -7.03 -32.84
CA SER D 108 9.05 -6.47 -32.75
C SER D 108 8.10 -7.17 -33.70
N GLU D 109 8.55 -7.44 -34.93
CA GLU D 109 7.77 -8.25 -35.85
C GLU D 109 7.58 -9.67 -35.33
N GLN D 110 8.42 -10.10 -34.37
CA GLN D 110 8.33 -11.43 -33.82
C GLN D 110 7.08 -11.58 -32.96
N ARG D 111 6.74 -10.53 -32.19
CA ARG D 111 5.49 -10.54 -31.42
C ARG D 111 4.27 -10.39 -32.33
N ALA D 112 4.21 -9.28 -33.08
CA ALA D 112 3.02 -8.96 -33.87
C ALA D 112 2.60 -10.10 -34.78
N GLU D 113 3.49 -11.04 -35.06
CA GLU D 113 3.13 -12.25 -35.78
C GLU D 113 2.70 -13.37 -34.85
N ARG D 114 3.21 -13.39 -33.61
CA ARG D 114 2.80 -14.40 -32.64
C ARG D 114 1.50 -14.03 -31.93
N GLU D 115 1.19 -12.73 -31.82
CA GLU D 115 -0.10 -12.32 -31.29
C GLU D 115 -1.21 -12.51 -32.32
N ALA D 116 -0.90 -12.26 -33.60
CA ALA D 116 -1.87 -12.54 -34.65
C ALA D 116 -2.27 -14.01 -34.64
N ASN D 117 -1.31 -14.91 -34.46
CA ASN D 117 -1.62 -16.34 -34.45
C ASN D 117 -2.44 -16.71 -33.23
N ASN D 118 -2.07 -16.19 -32.05
CA ASN D 118 -2.88 -16.42 -30.86
C ASN D 118 -4.28 -15.83 -31.00
N LEU D 119 -4.39 -14.67 -31.66
CA LEU D 119 -5.70 -14.07 -31.88
C LEU D 119 -6.56 -14.95 -32.79
N ILE D 120 -6.02 -15.34 -33.95
CA ILE D 120 -6.78 -16.15 -34.90
C ILE D 120 -7.23 -17.46 -34.25
N ALA D 121 -6.38 -18.04 -33.40
CA ALA D 121 -6.78 -19.26 -32.70
C ALA D 121 -7.92 -18.98 -31.72
N HIS D 122 -7.76 -17.96 -30.88
CA HIS D 122 -8.80 -17.62 -29.92
C HIS D 122 -10.13 -17.33 -30.60
N ASP D 123 -10.09 -16.72 -31.78
CA ASP D 123 -11.33 -16.41 -32.48
C ASP D 123 -11.87 -17.61 -33.27
N GLU D 124 -10.99 -18.45 -33.81
CA GLU D 124 -11.47 -19.65 -34.49
C GLU D 124 -12.10 -20.65 -33.52
N ARG D 125 -11.58 -20.73 -32.29
CA ARG D 125 -12.22 -21.57 -31.28
C ARG D 125 -13.54 -20.96 -30.82
N GLN D 126 -13.59 -19.63 -30.64
CA GLN D 126 -14.80 -18.98 -30.19
C GLN D 126 -15.93 -19.12 -31.22
N GLU D 127 -15.57 -19.08 -32.50
CA GLU D 127 -16.55 -19.33 -33.56
C GLU D 127 -17.07 -20.76 -33.49
N MET D 128 -16.17 -21.72 -33.28
CA MET D 128 -16.59 -23.12 -33.17
C MET D 128 -17.46 -23.33 -31.94
N LEU D 129 -17.12 -22.67 -30.82
CA LEU D 129 -17.77 -22.97 -29.56
C LEU D 129 -19.19 -22.42 -29.54
N ASP D 130 -19.39 -21.22 -30.10
CA ASP D 130 -20.74 -20.68 -30.26
C ASP D 130 -21.58 -21.59 -31.15
N LEU D 131 -21.01 -22.01 -32.29
CA LEU D 131 -21.68 -22.95 -33.19
C LEU D 131 -22.05 -24.24 -32.46
N MET D 132 -21.28 -24.62 -31.44
CA MET D 132 -21.59 -25.81 -30.64
C MET D 132 -22.86 -25.60 -29.83
N ARG D 133 -22.86 -24.55 -29.01
CA ARG D 133 -23.97 -24.31 -28.07
C ARG D 133 -25.28 -24.21 -28.81
N ALA D 134 -25.29 -23.50 -29.95
CA ALA D 134 -26.48 -23.40 -30.77
C ALA D 134 -26.95 -24.78 -31.24
N MET D 135 -26.02 -25.68 -31.54
CA MET D 135 -26.42 -27.03 -31.93
C MET D 135 -26.94 -27.81 -30.73
N HIS D 136 -26.26 -27.70 -29.57
CA HIS D 136 -26.71 -28.39 -28.38
C HIS D 136 -28.13 -27.99 -28.00
N ALA D 137 -28.50 -26.73 -28.24
CA ALA D 137 -29.86 -26.28 -27.95
C ALA D 137 -30.86 -26.94 -28.88
N LYS D 138 -30.59 -26.91 -30.19
CA LYS D 138 -31.48 -27.54 -31.16
C LYS D 138 -31.60 -29.04 -30.97
N ILE D 139 -30.58 -29.68 -30.39
CA ILE D 139 -30.69 -31.11 -30.08
C ILE D 139 -31.67 -31.33 -28.95
N VAL D 140 -31.56 -30.52 -27.89
CA VAL D 140 -32.49 -30.62 -26.78
C VAL D 140 -33.92 -30.43 -27.27
N ALA D 141 -34.12 -29.42 -28.13
CA ALA D 141 -35.42 -29.20 -28.73
C ALA D 141 -35.85 -30.34 -29.65
N LEU D 142 -34.91 -31.13 -30.17
CA LEU D 142 -35.30 -32.33 -30.89
C LEU D 142 -35.73 -33.45 -29.95
N GLU D 143 -35.12 -33.52 -28.76
CA GLU D 143 -35.48 -34.56 -27.81
C GLU D 143 -36.73 -34.22 -27.01
N GLN D 144 -37.29 -33.04 -27.21
CA GLN D 144 -38.54 -32.66 -26.56
C GLN D 144 -39.75 -33.01 -27.41
N GLN D 145 -39.62 -32.87 -28.73
CA GLN D 145 -40.58 -33.49 -29.64
C GLN D 145 -40.76 -34.96 -29.32
N GLY D 146 -39.70 -35.61 -28.83
CA GLY D 146 -39.73 -37.05 -28.64
C GLY D 146 -40.42 -37.54 -27.39
N LYS D 147 -40.42 -36.72 -26.33
CA LYS D 147 -41.02 -37.12 -25.06
C LYS D 147 -42.49 -37.47 -25.21
N VAL E 1 -37.91 25.21 37.36
CA VAL E 1 -36.67 25.02 38.09
C VAL E 1 -35.69 24.19 37.28
N GLU E 2 -34.37 24.39 37.51
CA GLU E 2 -33.35 23.76 36.65
C GLU E 2 -33.28 22.24 36.72
N SER E 3 -34.41 21.66 36.32
CA SER E 3 -34.69 20.29 35.94
C SER E 3 -35.19 20.22 34.50
N LEU E 4 -35.79 21.31 34.02
CA LEU E 4 -36.03 21.48 32.59
C LEU E 4 -34.74 21.82 31.87
N MET E 5 -33.85 22.57 32.53
CA MET E 5 -32.56 22.91 31.95
C MET E 5 -31.76 21.66 31.58
N GLN E 6 -31.93 20.57 32.34
CA GLN E 6 -31.24 19.33 32.04
C GLN E 6 -31.67 18.74 30.70
N ALA E 7 -32.88 19.05 30.24
CA ALA E 7 -33.46 18.37 29.09
C ALA E 7 -33.35 19.16 27.78
N LEU E 8 -32.78 20.36 27.81
CA LEU E 8 -32.72 21.20 26.62
C LEU E 8 -31.82 20.66 25.51
N PRO E 9 -30.62 20.13 25.81
CA PRO E 9 -29.80 19.57 24.72
C PRO E 9 -30.52 18.50 23.91
N GLY E 10 -31.31 17.65 24.57
CA GLY E 10 -32.10 16.68 23.82
C GLY E 10 -33.17 17.34 22.98
N ILE E 11 -33.76 18.43 23.49
CA ILE E 11 -34.74 19.17 22.72
C ILE E 11 -34.12 19.72 21.45
N GLY E 12 -32.89 20.22 21.54
CA GLY E 12 -32.22 20.74 20.37
C GLY E 12 -31.90 19.67 19.35
N TRP E 13 -31.47 18.50 19.83
CA TRP E 13 -31.15 17.39 18.93
C TRP E 13 -32.38 17.02 18.09
N THR E 14 -33.55 16.95 18.72
CA THR E 14 -34.78 16.70 18.00
C THR E 14 -35.09 17.85 17.05
N ALA E 15 -35.01 19.09 17.55
CA ALA E 15 -35.28 20.25 16.72
C ALA E 15 -34.30 20.33 15.55
N ALA E 16 -33.01 20.08 15.82
CA ALA E 16 -32.01 20.12 14.76
C ALA E 16 -32.28 19.05 13.70
N LEU E 17 -32.44 17.80 14.14
CA LEU E 17 -32.71 16.72 13.21
C LEU E 17 -34.05 16.89 12.51
N LEU E 18 -34.98 17.65 13.10
CA LEU E 18 -36.24 17.94 12.41
C LEU E 18 -36.00 18.84 11.20
N LEU E 19 -35.24 19.92 11.38
CA LEU E 19 -34.90 20.77 10.24
C LEU E 19 -34.07 20.01 9.20
N MET E 20 -33.27 19.04 9.64
CA MET E 20 -32.55 18.21 8.69
C MET E 20 -33.51 17.42 7.81
N MET E 21 -34.68 17.06 8.35
CA MET E 21 -35.66 16.31 7.57
C MET E 21 -36.29 17.16 6.49
N PHE E 22 -36.63 18.42 6.80
CA PHE E 22 -37.14 19.29 5.74
C PHE E 22 -36.10 19.48 4.65
N TYR E 23 -34.83 19.65 5.03
CA TYR E 23 -33.79 19.89 4.03
C TYR E 23 -33.65 18.74 3.05
N ILE E 24 -33.53 17.50 3.56
CA ILE E 24 -33.26 16.37 2.67
C ILE E 24 -34.50 16.02 1.87
N PHE E 25 -35.68 16.08 2.49
CA PHE E 25 -36.91 15.83 1.75
C PHE E 25 -37.23 16.93 0.74
N ALA E 26 -36.70 18.14 0.94
CA ALA E 26 -36.85 19.18 -0.07
C ALA E 26 -35.89 18.95 -1.23
N VAL E 27 -34.62 18.69 -0.93
CA VAL E 27 -33.67 18.30 -1.97
C VAL E 27 -34.20 17.09 -2.73
N MET E 28 -34.79 16.16 -2.01
CA MET E 28 -35.31 14.96 -2.67
C MET E 28 -36.62 15.27 -3.40
N GLY E 29 -37.46 16.14 -2.83
CA GLY E 29 -38.67 16.54 -3.51
C GLY E 29 -38.41 17.29 -4.80
N THR E 30 -37.35 18.11 -4.82
CA THR E 30 -36.99 18.85 -6.03
C THR E 30 -36.61 17.90 -7.17
N GLU E 31 -35.78 16.89 -6.87
CA GLU E 31 -35.44 15.87 -7.86
C GLU E 31 -36.69 15.19 -8.41
N LEU E 32 -37.46 14.56 -7.52
CA LEU E 32 -38.48 13.61 -7.95
C LEU E 32 -39.58 14.29 -8.77
N PHE E 33 -39.95 15.52 -8.40
CA PHE E 33 -41.22 16.09 -8.83
C PHE E 33 -41.09 17.42 -9.56
N GLY E 34 -40.12 18.25 -9.18
CA GLY E 34 -39.97 19.61 -9.70
C GLY E 34 -40.10 19.75 -11.20
N GLU E 35 -39.72 18.72 -11.96
CA GLU E 35 -39.77 18.82 -13.41
C GLU E 35 -41.22 18.82 -13.90
N ALA E 36 -42.09 18.06 -13.22
CA ALA E 36 -43.52 18.06 -13.53
C ALA E 36 -44.32 19.07 -12.71
N PHE E 37 -43.77 19.55 -11.60
CA PHE E 37 -44.45 20.49 -10.71
C PHE E 37 -43.51 21.62 -10.34
N PRO E 38 -43.19 22.50 -11.30
CA PRO E 38 -42.24 23.60 -10.98
C PRO E 38 -42.78 24.58 -9.95
N GLN E 39 -44.11 24.72 -9.88
CA GLN E 39 -44.73 25.67 -8.95
C GLN E 39 -44.48 25.27 -7.49
N TRP E 40 -44.48 23.97 -7.21
CA TRP E 40 -44.46 23.44 -5.86
C TRP E 40 -43.09 22.93 -5.45
N PHE E 41 -42.38 22.25 -6.36
CA PHE E 41 -41.11 21.61 -6.07
C PHE E 41 -40.03 22.04 -7.06
N GLY E 42 -40.26 23.12 -7.81
CA GLY E 42 -39.33 23.50 -8.86
C GLY E 42 -38.01 24.02 -8.34
N SER E 43 -38.01 24.67 -7.19
CA SER E 43 -36.79 25.14 -6.54
C SER E 43 -36.69 24.51 -5.16
N LEU E 44 -35.49 24.61 -4.57
CA LEU E 44 -35.29 24.10 -3.22
C LEU E 44 -36.15 24.87 -2.21
N GLY E 45 -36.30 26.18 -2.42
CA GLY E 45 -37.17 26.97 -1.56
C GLY E 45 -38.62 26.56 -1.69
N ALA E 46 -39.11 26.43 -2.93
CA ALA E 46 -40.49 26.01 -3.15
C ALA E 46 -40.76 24.65 -2.52
N SER E 47 -39.79 23.74 -2.58
CA SER E 47 -39.97 22.42 -1.98
C SER E 47 -40.10 22.52 -0.47
N ILE E 48 -39.23 23.31 0.17
CA ILE E 48 -39.25 23.49 1.61
C ILE E 48 -40.60 24.02 2.06
N TYR E 49 -41.24 24.85 1.21
CA TYR E 49 -42.47 25.53 1.60
C TYR E 49 -43.70 24.66 1.35
N SER E 50 -43.72 23.91 0.24
CA SER E 50 -44.81 22.97 0.02
C SER E 50 -44.79 21.85 1.04
N LEU E 51 -43.61 21.42 1.47
CA LEU E 51 -43.53 20.44 2.56
C LEU E 51 -44.06 21.04 3.86
N PHE E 52 -43.68 22.29 4.15
CA PHE E 52 -44.19 22.97 5.34
C PHE E 52 -45.71 23.14 5.29
N GLN E 53 -46.25 23.43 4.09
CA GLN E 53 -47.70 23.52 3.97
C GLN E 53 -48.37 22.17 4.21
N ILE E 54 -47.77 21.09 3.71
CA ILE E 54 -48.33 19.76 3.92
C ILE E 54 -48.44 19.46 5.42
N MET E 55 -47.40 19.80 6.18
CA MET E 55 -47.41 19.49 7.61
C MET E 55 -48.45 20.30 8.37
N THR E 56 -48.62 21.57 7.99
CA THR E 56 -49.56 22.45 8.70
C THR E 56 -50.97 22.36 8.14
N LEU E 57 -51.27 21.31 7.37
CA LEU E 57 -52.63 21.00 6.91
C LEU E 57 -53.25 22.12 6.08
N GLU E 58 -52.44 23.02 5.53
CA GLU E 58 -52.93 24.01 4.58
C GLU E 58 -52.99 23.44 3.16
N SER E 59 -52.84 22.13 3.06
CA SER E 59 -52.99 21.34 1.84
C SER E 59 -53.99 20.22 2.09
N TRP E 60 -55.14 20.56 2.67
CA TRP E 60 -56.14 19.57 3.04
C TRP E 60 -57.38 19.59 2.16
N SER E 61 -57.74 20.75 1.60
CA SER E 61 -58.72 20.82 0.53
C SER E 61 -58.11 21.27 -0.78
N MET E 62 -57.06 22.07 -0.71
CA MET E 62 -56.22 22.45 -1.85
C MET E 62 -54.95 21.60 -1.87
N GLY E 63 -55.10 20.32 -1.47
CA GLY E 63 -54.04 19.41 -1.10
C GLY E 63 -52.98 19.08 -2.11
N ILE E 64 -51.79 19.67 -1.90
CA ILE E 64 -50.65 19.51 -2.80
C ILE E 64 -50.33 18.04 -3.03
N ALA E 65 -50.47 17.21 -1.99
CA ALA E 65 -50.10 15.81 -2.10
C ALA E 65 -50.88 15.09 -3.19
N ARG E 66 -52.20 15.33 -3.24
CA ARG E 66 -53.05 14.45 -4.04
C ARG E 66 -52.78 14.59 -5.54
N PRO E 67 -52.66 15.79 -6.14
CA PRO E 67 -52.26 15.86 -7.55
C PRO E 67 -50.96 15.16 -7.88
N VAL E 68 -49.93 15.30 -7.03
CA VAL E 68 -48.68 14.59 -7.27
C VAL E 68 -48.88 13.10 -7.10
N MET E 69 -49.72 12.70 -6.14
CA MET E 69 -50.07 11.29 -5.99
C MET E 69 -50.74 10.75 -7.25
N GLU E 70 -51.57 11.57 -7.89
CA GLU E 70 -52.30 11.14 -9.08
C GLU E 70 -51.34 10.91 -10.25
N VAL E 71 -50.37 11.81 -10.42
CA VAL E 71 -49.47 11.74 -11.57
C VAL E 71 -48.48 10.59 -11.39
N TYR E 72 -47.74 10.61 -10.28
CA TYR E 72 -46.86 9.50 -9.95
C TYR E 72 -47.60 8.63 -8.93
N PRO E 73 -48.07 7.45 -9.30
CA PRO E 73 -48.91 6.67 -8.37
C PRO E 73 -48.15 6.15 -7.16
N LEU E 74 -46.81 6.14 -7.20
CA LEU E 74 -45.99 5.52 -6.17
C LEU E 74 -45.37 6.56 -5.23
N ALA E 75 -45.82 7.81 -5.31
CA ALA E 75 -45.17 8.91 -4.59
C ALA E 75 -45.51 8.96 -3.11
N TRP E 76 -46.38 8.09 -2.62
CA TRP E 76 -46.56 7.98 -1.18
C TRP E 76 -45.30 7.50 -0.48
N ILE E 77 -44.42 6.80 -1.19
CA ILE E 77 -43.15 6.33 -0.61
C ILE E 77 -42.29 7.50 -0.13
N PHE E 78 -42.62 8.73 -0.55
CA PHE E 78 -42.00 9.95 -0.04
C PHE E 78 -42.92 10.80 0.82
N PHE E 79 -44.18 10.99 0.44
CA PHE E 79 -45.06 11.83 1.25
C PHE E 79 -45.44 11.17 2.57
N VAL E 80 -45.47 9.84 2.64
CA VAL E 80 -45.79 9.17 3.89
C VAL E 80 -44.62 9.23 4.87
N PRO E 81 -43.41 8.77 4.52
CA PRO E 81 -42.32 8.80 5.51
C PRO E 81 -41.99 10.20 5.99
N PHE E 82 -42.05 11.21 5.10
CA PHE E 82 -41.85 12.59 5.53
C PHE E 82 -42.85 12.99 6.61
N ILE E 83 -44.14 12.77 6.37
CA ILE E 83 -45.16 13.15 7.35
C ILE E 83 -44.99 12.37 8.64
N LEU E 84 -44.51 11.13 8.56
CA LEU E 84 -44.31 10.34 9.77
C LEU E 84 -43.14 10.87 10.60
N ILE E 85 -41.95 10.91 10.00
CA ILE E 85 -40.75 11.30 10.76
C ILE E 85 -40.89 12.71 11.31
N SER E 86 -41.42 13.64 10.50
CA SER E 86 -41.51 15.02 10.92
C SER E 86 -42.62 15.27 11.93
N SER E 87 -43.63 14.39 11.99
CA SER E 87 -44.60 14.45 13.08
C SER E 87 -44.05 13.80 14.34
N PHE E 88 -43.32 12.70 14.17
CA PHE E 88 -42.73 11.99 15.32
C PHE E 88 -41.68 12.86 16.01
N MET E 89 -40.98 13.71 15.26
CA MET E 89 -40.00 14.59 15.88
C MET E 89 -40.68 15.68 16.71
N VAL E 90 -41.72 16.32 16.15
CA VAL E 90 -42.46 17.33 16.89
C VAL E 90 -43.11 16.73 18.12
N LEU E 91 -43.55 15.47 18.03
CA LEU E 91 -44.05 14.77 19.21
C LEU E 91 -42.96 14.63 20.27
N ASN E 92 -41.74 14.30 19.85
CA ASN E 92 -40.63 14.14 20.79
C ASN E 92 -40.23 15.45 21.43
N LEU E 93 -40.62 16.59 20.85
CA LEU E 93 -40.40 17.87 21.50
C LEU E 93 -41.29 18.01 22.73
N PHE E 94 -42.57 17.64 22.61
CA PHE E 94 -43.48 17.72 23.73
C PHE E 94 -43.23 16.60 24.74
N ILE E 95 -42.94 15.38 24.24
CA ILE E 95 -42.64 14.26 25.14
C ILE E 95 -41.46 14.60 26.03
N ALA E 96 -40.42 15.22 25.47
CA ALA E 96 -39.22 15.53 26.24
C ALA E 96 -39.53 16.47 27.40
N ILE E 97 -40.46 17.40 27.20
CA ILE E 97 -40.84 18.31 28.28
C ILE E 97 -41.74 17.60 29.28
N ILE E 98 -42.64 16.73 28.80
CA ILE E 98 -43.48 15.94 29.70
C ILE E 98 -42.60 15.08 30.61
N VAL E 99 -41.64 14.37 30.02
CA VAL E 99 -40.73 13.54 30.81
C VAL E 99 -39.97 14.40 31.81
N SER E 100 -39.37 15.49 31.35
CA SER E 100 -38.56 16.36 32.21
C SER E 100 -39.34 16.79 33.45
N ALA E 101 -40.62 17.11 33.30
CA ALA E 101 -41.42 17.56 34.43
C ALA E 101 -41.71 16.42 35.39
N THR E 102 -42.29 15.32 34.88
CA THR E 102 -42.66 14.21 35.75
C THR E 102 -41.43 13.49 36.30
N GLN E 103 -40.31 13.54 35.57
CA GLN E 103 -39.06 12.98 36.10
C GLN E 103 -38.66 13.70 37.38
N GLU E 104 -38.87 15.02 37.43
CA GLU E 104 -38.50 15.79 38.60
C GLU E 104 -39.37 15.44 39.80
N VAL E 105 -40.68 15.31 39.58
CA VAL E 105 -41.60 15.00 40.68
C VAL E 105 -41.26 13.65 41.30
N HIS E 106 -41.04 12.64 40.45
CA HIS E 106 -40.65 11.31 40.95
C HIS E 106 -39.39 11.37 41.79
N GLU E 107 -38.44 12.24 41.43
CA GLU E 107 -37.19 12.33 42.15
C GLU E 107 -37.32 13.13 43.44
N SER E 108 -38.35 13.95 43.59
CA SER E 108 -38.61 14.64 44.85
C SER E 108 -39.39 13.78 45.82
N GLU E 109 -40.40 13.06 45.33
CA GLU E 109 -41.09 12.07 46.15
C GLU E 109 -40.16 10.93 46.58
N GLN E 110 -39.03 10.79 45.88
CA GLN E 110 -38.07 9.73 46.21
C GLN E 110 -37.36 10.04 47.53
N ARG E 111 -37.03 11.30 47.77
CA ARG E 111 -36.46 11.70 49.06
C ARG E 111 -37.50 11.67 50.17
N ALA E 112 -38.58 12.46 50.01
CA ALA E 112 -39.56 12.63 51.08
C ALA E 112 -40.09 11.30 51.60
N GLU E 113 -39.94 10.22 50.84
CA GLU E 113 -40.26 8.89 51.32
C GLU E 113 -39.07 8.21 51.99
N ARG E 114 -37.85 8.55 51.57
CA ARG E 114 -36.64 8.00 52.19
C ARG E 114 -36.26 8.74 53.47
N GLU E 115 -36.63 10.02 53.59
CA GLU E 115 -36.41 10.73 54.84
C GLU E 115 -37.44 10.33 55.88
N ALA E 116 -38.69 10.08 55.46
CA ALA E 116 -39.69 9.58 56.38
C ALA E 116 -39.25 8.26 57.00
N ASN E 117 -38.68 7.36 56.19
CA ASN E 117 -38.23 6.08 56.70
C ASN E 117 -37.06 6.24 57.65
N ASN E 118 -36.09 7.09 57.30
CA ASN E 118 -34.98 7.37 58.21
C ASN E 118 -35.49 8.03 59.50
N LEU E 119 -36.49 8.89 59.39
CA LEU E 119 -37.06 9.53 60.58
C LEU E 119 -37.72 8.49 61.49
N ILE E 120 -38.61 7.68 60.93
CA ILE E 120 -39.32 6.69 61.73
C ILE E 120 -38.34 5.74 62.41
N ALA E 121 -37.25 5.39 61.73
CA ALA E 121 -36.23 4.54 62.35
C ALA E 121 -35.54 5.26 63.50
N HIS E 122 -35.03 6.46 63.24
CA HIS E 122 -34.40 7.27 64.29
C HIS E 122 -35.30 7.38 65.52
N ASP E 123 -36.60 7.57 65.31
CA ASP E 123 -37.51 7.78 66.44
C ASP E 123 -37.91 6.46 67.09
N GLU E 124 -38.04 5.38 66.30
CA GLU E 124 -38.35 4.09 66.91
C GLU E 124 -37.19 3.57 67.74
N ARG E 125 -35.95 3.85 67.34
CA ARG E 125 -34.79 3.49 68.16
C ARG E 125 -34.72 4.36 69.40
N GLN E 126 -35.00 5.67 69.27
CA GLN E 126 -34.93 6.57 70.41
C GLN E 126 -35.97 6.22 71.45
N GLU E 127 -37.16 5.78 71.01
CA GLU E 127 -38.18 5.29 71.94
C GLU E 127 -37.70 4.04 72.66
N MET E 128 -37.10 3.11 71.93
CA MET E 128 -36.57 1.89 72.56
C MET E 128 -35.46 2.22 73.54
N LEU E 129 -34.60 3.16 73.19
CA LEU E 129 -33.39 3.39 73.97
C LEU E 129 -33.72 4.07 75.30
N ASP E 130 -34.65 5.03 75.27
CA ASP E 130 -35.13 5.64 76.50
C ASP E 130 -35.77 4.59 77.41
N LEU E 131 -36.62 3.74 76.84
CA LEU E 131 -37.23 2.66 77.60
C LEU E 131 -36.19 1.68 78.13
N MET E 132 -35.00 1.65 77.52
CA MET E 132 -33.92 0.84 78.08
C MET E 132 -33.36 1.46 79.35
N ARG E 133 -32.93 2.71 79.25
CA ARG E 133 -32.28 3.38 80.38
C ARG E 133 -33.16 3.36 81.62
N ALA E 134 -34.46 3.64 81.42
CA ALA E 134 -35.41 3.57 82.53
C ALA E 134 -35.44 2.19 83.16
N MET E 135 -35.29 1.13 82.35
CA MET E 135 -35.28 -0.22 82.90
C MET E 135 -33.96 -0.52 83.58
N HIS E 136 -32.85 -0.04 83.03
CA HIS E 136 -31.56 -0.23 83.68
C HIS E 136 -31.50 0.43 85.04
N ALA E 137 -32.17 1.58 85.19
CA ALA E 137 -32.21 2.25 86.49
C ALA E 137 -33.00 1.43 87.50
N LYS E 138 -34.19 0.97 87.12
CA LYS E 138 -35.03 0.17 88.01
C LYS E 138 -34.35 -1.14 88.38
N ILE E 139 -33.46 -1.65 87.55
CA ILE E 139 -32.74 -2.88 87.90
C ILE E 139 -31.68 -2.60 88.95
N VAL E 140 -30.96 -1.50 88.80
CA VAL E 140 -29.99 -1.11 89.82
C VAL E 140 -30.69 -0.92 91.16
N ALA E 141 -31.85 -0.25 91.16
CA ALA E 141 -32.64 -0.12 92.36
C ALA E 141 -33.17 -1.45 92.85
N LEU E 142 -33.25 -2.45 91.97
CA LEU E 142 -33.64 -3.81 92.34
C LEU E 142 -32.48 -4.61 92.91
N GLU E 143 -31.24 -4.17 92.70
CA GLU E 143 -30.06 -4.79 93.26
C GLU E 143 -29.55 -4.07 94.49
N GLN E 144 -30.17 -2.95 94.86
CA GLN E 144 -29.85 -2.26 96.10
C GLN E 144 -30.71 -2.75 97.24
N GLN E 145 -31.96 -3.13 96.93
CA GLN E 145 -32.80 -3.92 97.81
C GLN E 145 -32.11 -5.20 98.26
N GLY E 146 -31.12 -5.68 97.50
CA GLY E 146 -30.50 -6.95 97.77
C GLY E 146 -29.25 -6.89 98.62
N LYS E 147 -28.53 -5.77 98.57
CA LYS E 147 -27.28 -5.62 99.31
C LYS E 147 -27.48 -5.82 100.81
N GLU F 2 -45.60 5.40 30.28
CA GLU F 2 -44.71 6.32 30.99
C GLU F 2 -43.30 5.78 31.20
N SER F 3 -42.98 4.69 30.50
CA SER F 3 -41.62 4.16 30.55
C SER F 3 -41.06 3.94 29.17
N LEU F 4 -41.92 3.57 28.21
CA LEU F 4 -41.52 3.57 26.82
C LEU F 4 -41.66 4.97 26.20
N MET F 5 -42.67 5.72 26.64
CA MET F 5 -42.81 7.11 26.28
C MET F 5 -41.56 7.93 26.58
N GLN F 6 -40.72 7.48 27.52
CA GLN F 6 -39.50 8.24 27.83
C GLN F 6 -38.43 8.04 26.77
N ALA F 7 -38.38 6.87 26.14
CA ALA F 7 -37.31 6.47 25.24
C ALA F 7 -37.54 6.87 23.80
N LEU F 8 -38.66 7.51 23.49
CA LEU F 8 -39.00 7.84 22.11
C LEU F 8 -38.07 8.89 21.48
N PRO F 9 -37.68 9.97 22.18
CA PRO F 9 -36.74 10.92 21.56
C PRO F 9 -35.44 10.28 21.08
N GLY F 10 -34.92 9.31 21.82
CA GLY F 10 -33.75 8.59 21.35
C GLY F 10 -34.04 7.73 20.14
N ILE F 11 -35.22 7.11 20.11
CA ILE F 11 -35.66 6.36 18.93
C ILE F 11 -35.65 7.25 17.70
N GLY F 12 -36.15 8.48 17.84
CA GLY F 12 -36.20 9.39 16.70
C GLY F 12 -34.82 9.82 16.24
N TRP F 13 -33.92 10.07 17.19
CA TRP F 13 -32.55 10.45 16.84
C TRP F 13 -31.89 9.38 15.99
N THR F 14 -32.07 8.10 16.36
CA THR F 14 -31.57 7.01 15.54
C THR F 14 -32.28 6.96 14.19
N ALA F 15 -33.61 7.05 14.22
CA ALA F 15 -34.38 7.03 12.96
C ALA F 15 -34.01 8.21 12.08
N ALA F 16 -33.87 9.40 12.65
CA ALA F 16 -33.50 10.57 11.87
C ALA F 16 -32.11 10.41 11.27
N LEU F 17 -31.11 10.09 12.09
CA LEU F 17 -29.76 9.89 11.59
C LEU F 17 -29.66 8.72 10.63
N LEU F 18 -30.59 7.76 10.71
CA LEU F 18 -30.61 6.67 9.73
C LEU F 18 -30.98 7.19 8.35
N LEU F 19 -32.05 7.99 8.25
CA LEU F 19 -32.39 8.60 6.97
C LEU F 19 -31.30 9.52 6.47
N MET F 20 -30.56 10.16 7.38
CA MET F 20 -29.42 10.97 6.97
C MET F 20 -28.37 10.12 6.27
N MET F 21 -28.24 8.85 6.67
CA MET F 21 -27.26 7.97 6.05
C MET F 21 -27.65 7.62 4.63
N PHE F 22 -28.92 7.32 4.38
CA PHE F 22 -29.34 7.08 3.01
C PHE F 22 -29.10 8.31 2.13
N TYR F 23 -29.38 9.50 2.66
CA TYR F 23 -29.23 10.72 1.87
C TYR F 23 -27.78 10.93 1.44
N ILE F 24 -26.85 10.87 2.38
CA ILE F 24 -25.46 11.20 2.04
C ILE F 24 -24.83 10.10 1.21
N PHE F 25 -25.13 8.84 1.52
CA PHE F 25 -24.63 7.74 0.70
C PHE F 25 -25.26 7.70 -0.68
N ALA F 26 -26.46 8.28 -0.85
CA ALA F 26 -27.04 8.40 -2.18
C ALA F 26 -26.39 9.52 -2.98
N VAL F 27 -26.25 10.70 -2.35
CA VAL F 27 -25.49 11.79 -2.97
C VAL F 27 -24.09 11.31 -3.32
N MET F 28 -23.49 10.53 -2.42
CA MET F 28 -22.14 10.05 -2.69
C MET F 28 -22.16 8.91 -3.72
N GLY F 29 -23.18 8.06 -3.69
CA GLY F 29 -23.30 7.01 -4.69
C GLY F 29 -23.51 7.57 -6.09
N THR F 30 -24.24 8.67 -6.21
CA THR F 30 -24.46 9.30 -7.50
C THR F 30 -23.16 9.79 -8.11
N GLU F 31 -22.34 10.47 -7.31
CA GLU F 31 -21.01 10.90 -7.76
C GLU F 31 -20.19 9.72 -8.24
N LEU F 32 -19.95 8.76 -7.36
CA LEU F 32 -18.92 7.76 -7.59
C LEU F 32 -19.24 6.88 -8.80
N PHE F 33 -20.51 6.55 -9.00
CA PHE F 33 -20.89 5.42 -9.84
C PHE F 33 -21.84 5.79 -10.97
N GLY F 34 -22.76 6.73 -10.75
CA GLY F 34 -23.81 7.06 -11.70
C GLY F 34 -23.34 7.25 -13.12
N GLU F 35 -22.10 7.74 -13.26
CA GLU F 35 -21.46 7.87 -14.56
C GLU F 35 -21.49 6.56 -15.32
N ALA F 36 -21.03 5.49 -14.68
CA ALA F 36 -20.94 4.17 -15.29
C ALA F 36 -22.18 3.31 -15.08
N PHE F 37 -23.05 3.69 -14.14
CA PHE F 37 -24.25 2.93 -13.82
C PHE F 37 -25.45 3.88 -13.71
N PRO F 38 -25.89 4.44 -14.84
CA PRO F 38 -27.02 5.38 -14.78
C PRO F 38 -28.32 4.76 -14.31
N GLN F 39 -28.49 3.45 -14.55
CA GLN F 39 -29.72 2.75 -14.18
C GLN F 39 -29.90 2.72 -12.67
N TRP F 40 -28.81 2.56 -11.93
CA TRP F 40 -28.82 2.31 -10.50
C TRP F 40 -28.50 3.53 -9.67
N PHE F 41 -27.52 4.33 -10.11
CA PHE F 41 -27.03 5.48 -9.36
C PHE F 41 -27.05 6.75 -10.21
N GLY F 42 -27.77 6.73 -11.34
CA GLY F 42 -27.72 7.87 -12.26
C GLY F 42 -28.38 9.11 -11.72
N SER F 43 -29.43 8.95 -10.91
CA SER F 43 -30.10 10.07 -10.26
C SER F 43 -30.04 9.88 -8.75
N LEU F 44 -30.35 10.96 -8.02
CA LEU F 44 -30.39 10.87 -6.57
C LEU F 44 -31.49 9.92 -6.11
N GLY F 45 -32.62 9.90 -6.81
CA GLY F 45 -33.67 8.96 -6.48
C GLY F 45 -33.27 7.52 -6.74
N ALA F 46 -32.67 7.26 -7.91
CA ALA F 46 -32.21 5.91 -8.22
C ALA F 46 -31.19 5.42 -7.20
N SER F 47 -30.32 6.32 -6.72
CA SER F 47 -29.32 5.94 -5.72
C SER F 47 -30.00 5.55 -4.41
N ILE F 48 -30.92 6.38 -3.91
CA ILE F 48 -31.69 6.05 -2.71
C ILE F 48 -32.33 4.67 -2.81
N TYR F 49 -32.79 4.30 -4.00
CA TYR F 49 -33.57 3.08 -4.13
C TYR F 49 -32.68 1.86 -4.26
N SER F 50 -31.58 1.97 -4.99
CA SER F 50 -30.62 0.86 -5.06
C SER F 50 -29.97 0.61 -3.71
N LEU F 51 -29.72 1.66 -2.93
CA LEU F 51 -29.24 1.47 -1.56
C LEU F 51 -30.29 0.77 -0.70
N PHE F 52 -31.54 1.18 -0.83
CA PHE F 52 -32.63 0.53 -0.10
C PHE F 52 -32.78 -0.94 -0.51
N GLN F 53 -32.59 -1.23 -1.80
CA GLN F 53 -32.64 -2.63 -2.23
C GLN F 53 -31.48 -3.44 -1.65
N ILE F 54 -30.29 -2.84 -1.59
CA ILE F 54 -29.14 -3.53 -1.00
C ILE F 54 -29.42 -3.93 0.43
N MET F 55 -30.02 -3.02 1.21
CA MET F 55 -30.28 -3.31 2.62
C MET F 55 -31.32 -4.40 2.80
N THR F 56 -32.36 -4.41 1.97
CA THR F 56 -33.44 -5.38 2.10
C THR F 56 -33.16 -6.68 1.34
N LEU F 57 -31.90 -6.92 0.98
CA LEU F 57 -31.44 -8.19 0.42
C LEU F 57 -32.17 -8.56 -0.87
N GLU F 58 -32.78 -7.60 -1.54
CA GLU F 58 -33.33 -7.83 -2.87
C GLU F 58 -32.26 -7.67 -3.95
N SER F 59 -31.00 -7.58 -3.54
CA SER F 59 -29.88 -7.63 -4.46
C SER F 59 -28.90 -8.71 -4.01
N TRP F 60 -29.42 -9.91 -3.77
CA TRP F 60 -28.52 -10.97 -3.38
C TRP F 60 -28.21 -11.93 -4.52
N SER F 61 -29.20 -12.26 -5.34
CA SER F 61 -28.91 -13.05 -6.53
C SER F 61 -28.79 -12.21 -7.80
N MET F 62 -29.54 -11.13 -7.95
CA MET F 62 -29.16 -10.14 -8.94
C MET F 62 -27.88 -9.44 -8.49
N GLY F 63 -27.89 -8.95 -7.26
CA GLY F 63 -26.76 -8.36 -6.58
C GLY F 63 -26.19 -7.07 -7.13
N ILE F 64 -26.88 -5.93 -6.95
CA ILE F 64 -26.39 -4.65 -7.47
C ILE F 64 -24.93 -4.40 -7.07
N ALA F 65 -24.55 -4.80 -5.86
CA ALA F 65 -23.21 -4.52 -5.36
C ALA F 65 -22.14 -5.17 -6.24
N ARG F 66 -22.32 -6.45 -6.58
CA ARG F 66 -21.26 -7.22 -7.24
C ARG F 66 -20.81 -6.60 -8.56
N PRO F 67 -21.70 -6.28 -9.52
CA PRO F 67 -21.22 -5.65 -10.76
C PRO F 67 -20.44 -4.36 -10.53
N VAL F 68 -20.88 -3.50 -9.61
CA VAL F 68 -20.13 -2.28 -9.33
C VAL F 68 -18.81 -2.63 -8.66
N MET F 69 -18.80 -3.66 -7.81
CA MET F 69 -17.56 -4.14 -7.22
C MET F 69 -16.57 -4.61 -8.28
N GLU F 70 -17.07 -5.25 -9.34
CA GLU F 70 -16.21 -5.80 -10.39
C GLU F 70 -15.67 -4.73 -11.34
N VAL F 71 -16.37 -3.61 -11.48
CA VAL F 71 -15.86 -2.52 -12.32
C VAL F 71 -14.87 -1.67 -11.55
N TYR F 72 -15.30 -1.14 -10.40
CA TYR F 72 -14.39 -0.43 -9.52
C TYR F 72 -13.98 -1.40 -8.42
N PRO F 73 -12.74 -1.89 -8.41
CA PRO F 73 -12.38 -2.93 -7.43
C PRO F 73 -12.35 -2.44 -6.00
N LEU F 74 -12.31 -1.14 -5.77
CA LEU F 74 -12.14 -0.56 -4.45
C LEU F 74 -13.45 -0.03 -3.86
N ALA F 75 -14.58 -0.36 -4.47
CA ALA F 75 -15.86 0.23 -4.11
C ALA F 75 -16.47 -0.36 -2.85
N TRP F 76 -15.85 -1.38 -2.25
CA TRP F 76 -16.30 -1.82 -0.93
C TRP F 76 -16.11 -0.73 0.13
N ILE F 77 -15.18 0.21 -0.09
CA ILE F 77 -14.96 1.30 0.86
C ILE F 77 -16.23 2.14 1.03
N PHE F 78 -17.20 1.99 0.13
CA PHE F 78 -18.52 2.61 0.26
C PHE F 78 -19.65 1.62 0.54
N PHE F 79 -19.68 0.46 -0.12
CA PHE F 79 -20.78 -0.47 0.14
C PHE F 79 -20.67 -1.13 1.51
N VAL F 80 -19.46 -1.27 2.06
CA VAL F 80 -19.31 -1.88 3.39
C VAL F 80 -19.73 -0.89 4.47
N PRO F 81 -19.16 0.32 4.57
CA PRO F 81 -19.57 1.22 5.66
C PRO F 81 -21.05 1.57 5.64
N PHE F 82 -21.64 1.74 4.45
CA PHE F 82 -23.08 1.96 4.37
C PHE F 82 -23.86 0.84 5.02
N ILE F 83 -23.57 -0.40 4.62
CA ILE F 83 -24.30 -1.54 5.17
C ILE F 83 -24.08 -1.67 6.67
N LEU F 84 -22.90 -1.29 7.14
CA LEU F 84 -22.61 -1.37 8.58
C LEU F 84 -23.41 -0.34 9.36
N ILE F 85 -23.22 0.95 9.04
CA ILE F 85 -23.86 2.01 9.80
C ILE F 85 -25.37 1.89 9.76
N SER F 86 -25.93 1.59 8.57
CA SER F 86 -27.37 1.53 8.43
C SER F 86 -27.99 0.28 9.04
N SER F 87 -27.20 -0.78 9.22
CA SER F 87 -27.67 -1.92 10.00
C SER F 87 -27.55 -1.66 11.49
N PHE F 88 -26.45 -1.00 11.90
CA PHE F 88 -26.24 -0.68 13.30
C PHE F 88 -27.29 0.29 13.82
N MET F 89 -27.80 1.18 12.97
CA MET F 89 -28.85 2.11 13.38
C MET F 89 -30.17 1.37 13.60
N VAL F 90 -30.55 0.50 12.66
CA VAL F 90 -31.77 -0.28 12.80
C VAL F 90 -31.68 -1.18 14.03
N LEU F 91 -30.49 -1.69 14.33
CA LEU F 91 -30.30 -2.45 15.56
C LEU F 91 -30.55 -1.58 16.78
N ASN F 92 -30.08 -0.33 16.76
CA ASN F 92 -30.28 0.56 17.89
C ASN F 92 -31.75 0.95 18.07
N LEU F 93 -32.57 0.76 17.04
CA LEU F 93 -34.01 0.96 17.21
C LEU F 93 -34.61 -0.12 18.09
N PHE F 94 -34.22 -1.38 17.87
CA PHE F 94 -34.73 -2.48 18.69
C PHE F 94 -34.07 -2.48 20.06
N ILE F 95 -32.76 -2.22 20.12
CA ILE F 95 -32.06 -2.16 21.40
C ILE F 95 -32.70 -1.14 22.33
N ALA F 96 -33.06 0.03 21.78
CA ALA F 96 -33.63 1.09 22.61
C ALA F 96 -34.93 0.66 23.25
N ILE F 97 -35.73 -0.14 22.54
CA ILE F 97 -36.97 -0.64 23.11
C ILE F 97 -36.70 -1.76 24.12
N ILE F 98 -35.73 -2.62 23.82
CA ILE F 98 -35.34 -3.66 24.76
C ILE F 98 -34.88 -3.04 26.08
N VAL F 99 -34.01 -2.04 26.00
CA VAL F 99 -33.53 -1.36 27.20
C VAL F 99 -34.69 -0.72 27.95
N SER F 100 -35.53 0.04 27.22
CA SER F 100 -36.65 0.73 27.84
C SER F 100 -37.53 -0.21 28.66
N ALA F 101 -37.78 -1.42 28.14
CA ALA F 101 -38.62 -2.37 28.86
C ALA F 101 -37.93 -2.92 30.10
N THR F 102 -36.73 -3.48 29.92
CA THR F 102 -36.02 -4.07 31.05
C THR F 102 -35.56 -3.02 32.06
N GLN F 103 -35.32 -1.79 31.60
CA GLN F 103 -35.01 -0.71 32.53
C GLN F 103 -36.15 -0.48 33.51
N GLU F 104 -37.39 -0.60 33.02
CA GLU F 104 -38.55 -0.38 33.88
C GLU F 104 -38.69 -1.48 34.93
N VAL F 105 -38.48 -2.74 34.52
CA VAL F 105 -38.62 -3.86 35.45
C VAL F 105 -37.60 -3.73 36.58
N HIS F 106 -36.34 -3.44 36.23
CA HIS F 106 -35.31 -3.27 37.25
C HIS F 106 -35.68 -2.18 38.23
N GLU F 107 -36.32 -1.11 37.76
CA GLU F 107 -36.69 0.01 38.63
C GLU F 107 -37.92 -0.29 39.49
N SER F 108 -38.73 -1.28 39.11
CA SER F 108 -39.85 -1.69 39.95
C SER F 108 -39.42 -2.70 41.00
N GLU F 109 -38.57 -3.66 40.63
CA GLU F 109 -37.98 -4.57 41.60
C GLU F 109 -37.09 -3.82 42.58
N GLN F 110 -36.67 -2.59 42.24
CA GLN F 110 -35.81 -1.80 43.11
C GLN F 110 -36.60 -1.31 44.33
N ARG F 111 -37.86 -0.93 44.15
CA ARG F 111 -38.71 -0.57 45.28
C ARG F 111 -39.11 -1.78 46.09
N ALA F 112 -39.79 -2.74 45.45
CA ALA F 112 -40.35 -3.89 46.17
C ALA F 112 -39.32 -4.61 47.03
N GLU F 113 -38.04 -4.41 46.76
CA GLU F 113 -36.99 -4.92 47.63
C GLU F 113 -36.61 -3.92 48.72
N ARG F 114 -36.76 -2.62 48.46
CA ARG F 114 -36.47 -1.60 49.45
C ARG F 114 -37.63 -1.38 50.42
N GLU F 115 -38.87 -1.66 49.99
CA GLU F 115 -40.00 -1.63 50.91
C GLU F 115 -40.03 -2.85 51.80
N ALA F 116 -39.66 -4.02 51.26
CA ALA F 116 -39.54 -5.22 52.09
C ALA F 116 -38.54 -4.99 53.22
N ASN F 117 -37.41 -4.35 52.93
CA ASN F 117 -36.41 -4.11 53.97
C ASN F 117 -36.91 -3.11 55.00
N ASN F 118 -37.55 -2.03 54.55
CA ASN F 118 -38.17 -1.08 55.49
C ASN F 118 -39.26 -1.76 56.32
N LEU F 119 -40.02 -2.66 55.70
CA LEU F 119 -41.06 -3.38 56.44
C LEU F 119 -40.46 -4.27 57.51
N ILE F 120 -39.49 -5.11 57.14
CA ILE F 120 -38.88 -6.03 58.09
C ILE F 120 -38.26 -5.26 59.25
N ALA F 121 -37.67 -4.10 58.97
CA ALA F 121 -37.10 -3.28 60.04
C ALA F 121 -38.21 -2.76 60.97
N HIS F 122 -39.24 -2.16 60.38
CA HIS F 122 -40.34 -1.63 61.18
C HIS F 122 -40.99 -2.70 62.03
N ASP F 123 -41.06 -3.93 61.53
CA ASP F 123 -41.67 -5.00 62.31
C ASP F 123 -40.69 -5.61 63.31
N GLU F 124 -39.40 -5.69 62.98
CA GLU F 124 -38.43 -6.19 63.94
C GLU F 124 -38.26 -5.25 65.12
N ARG F 125 -38.36 -3.93 64.88
CA ARG F 125 -38.34 -2.98 66.00
C ARG F 125 -39.62 -3.06 66.82
N GLN F 126 -40.77 -3.20 66.16
CA GLN F 126 -42.04 -3.27 66.87
C GLN F 126 -42.11 -4.51 67.75
N GLU F 127 -41.55 -5.63 67.27
CA GLU F 127 -41.45 -6.84 68.10
C GLU F 127 -40.57 -6.59 69.32
N MET F 128 -39.43 -5.94 69.12
CA MET F 128 -38.54 -5.64 70.23
C MET F 128 -39.21 -4.70 71.23
N LEU F 129 -39.94 -3.70 70.73
CA LEU F 129 -40.43 -2.64 71.59
C LEU F 129 -41.58 -3.16 72.47
N ASP F 130 -42.44 -3.99 71.91
CA ASP F 130 -43.48 -4.64 72.71
C ASP F 130 -42.85 -5.51 73.80
N LEU F 131 -41.85 -6.31 73.41
CA LEU F 131 -41.11 -7.13 74.36
C LEU F 131 -40.48 -6.28 75.47
N MET F 132 -40.16 -5.02 75.16
CA MET F 132 -39.60 -4.10 76.16
C MET F 132 -40.67 -3.75 77.20
N ARG F 133 -41.79 -3.20 76.74
CA ARG F 133 -42.83 -2.69 77.63
C ARG F 133 -43.28 -3.77 78.59
N ALA F 134 -43.47 -4.98 78.07
CA ALA F 134 -43.83 -6.12 78.89
C ALA F 134 -42.80 -6.39 79.98
N MET F 135 -41.51 -6.23 79.67
CA MET F 135 -40.50 -6.38 80.70
C MET F 135 -40.57 -5.24 81.70
N HIS F 136 -40.68 -4.00 81.21
CA HIS F 136 -40.75 -2.85 82.10
C HIS F 136 -41.88 -2.98 83.10
N ALA F 137 -43.00 -3.59 82.69
CA ALA F 137 -44.11 -3.80 83.61
C ALA F 137 -43.74 -4.81 84.69
N LYS F 138 -43.14 -5.93 84.29
CA LYS F 138 -42.79 -6.95 85.26
C LYS F 138 -41.62 -6.56 86.14
N ILE F 139 -40.86 -5.53 85.76
CA ILE F 139 -39.87 -4.96 86.66
C ILE F 139 -40.55 -4.13 87.74
N VAL F 140 -41.51 -3.30 87.34
CA VAL F 140 -42.25 -2.50 88.31
C VAL F 140 -42.93 -3.41 89.32
N ALA F 141 -43.55 -4.49 88.85
CA ALA F 141 -44.13 -5.49 89.74
C ALA F 141 -43.07 -6.20 90.57
N LEU F 142 -41.83 -6.24 90.09
CA LEU F 142 -40.69 -6.72 90.89
C LEU F 142 -40.27 -5.75 91.98
N GLU F 143 -40.53 -4.46 91.81
CA GLU F 143 -40.15 -3.45 92.79
C GLU F 143 -41.30 -3.12 93.74
N GLN F 144 -42.46 -3.73 93.54
CA GLN F 144 -43.57 -3.56 94.47
C GLN F 144 -43.56 -4.63 95.54
N GLN F 145 -43.14 -5.84 95.17
CA GLN F 145 -42.69 -6.85 96.12
C GLN F 145 -41.79 -6.24 97.18
N GLY F 146 -40.92 -5.33 96.75
CA GLY F 146 -39.84 -4.86 97.59
C GLY F 146 -40.24 -3.78 98.59
N LYS F 147 -41.25 -2.99 98.26
CA LYS F 147 -41.66 -1.88 99.12
C LYS F 147 -42.05 -2.35 100.52
N GLU G 2 -26.18 -6.62 28.08
CA GLU G 2 -26.68 -6.36 29.43
C GLU G 2 -26.65 -4.88 29.78
N SER G 3 -25.42 -4.39 29.88
CA SER G 3 -25.03 -3.06 30.34
C SER G 3 -24.27 -2.29 29.28
N LEU G 4 -23.57 -2.99 28.39
CA LEU G 4 -23.05 -2.36 27.17
C LEU G 4 -24.16 -2.15 26.17
N MET G 5 -25.14 -3.07 26.14
CA MET G 5 -26.22 -2.99 25.17
C MET G 5 -26.95 -1.66 25.25
N GLN G 6 -27.17 -1.15 26.48
CA GLN G 6 -27.89 0.10 26.64
C GLN G 6 -27.13 1.28 26.05
N ALA G 7 -25.80 1.21 26.03
CA ALA G 7 -25.02 2.35 25.58
C ALA G 7 -24.85 2.41 24.06
N LEU G 8 -25.38 1.44 23.32
CA LEU G 8 -25.17 1.39 21.87
C LEU G 8 -25.88 2.52 21.11
N PRO G 9 -27.13 2.89 21.43
CA PRO G 9 -27.75 4.01 20.71
C PRO G 9 -26.93 5.30 20.76
N GLY G 10 -26.31 5.59 21.91
CA GLY G 10 -25.43 6.74 21.97
C GLY G 10 -24.19 6.57 21.11
N ILE G 11 -23.68 5.34 21.04
CA ILE G 11 -22.53 5.08 20.17
C ILE G 11 -22.89 5.35 18.72
N GLY G 12 -24.10 4.96 18.30
CA GLY G 12 -24.51 5.23 16.93
C GLY G 12 -24.67 6.70 16.64
N TRP G 13 -25.23 7.45 17.60
CA TRP G 13 -25.40 8.89 17.42
C TRP G 13 -24.07 9.57 17.17
N THR G 14 -23.03 9.20 17.94
CA THR G 14 -21.70 9.71 17.68
C THR G 14 -21.17 9.24 16.34
N ALA G 15 -21.31 7.95 16.05
CA ALA G 15 -20.84 7.41 14.77
C ALA G 15 -21.59 8.06 13.60
N ALA G 16 -22.90 8.22 13.73
CA ALA G 16 -23.69 8.83 12.66
C ALA G 16 -23.27 10.29 12.45
N LEU G 17 -23.23 11.08 13.53
CA LEU G 17 -22.83 12.47 13.40
C LEU G 17 -21.37 12.61 12.97
N LEU G 18 -20.55 11.59 13.20
CA LEU G 18 -19.18 11.63 12.70
C LEU G 18 -19.15 11.57 11.18
N LEU G 19 -19.88 10.62 10.59
CA LEU G 19 -19.98 10.56 9.13
C LEU G 19 -20.62 11.82 8.56
N MET G 20 -21.52 12.44 9.32
CA MET G 20 -22.08 13.71 8.87
C MET G 20 -21.01 14.78 8.77
N MET G 21 -19.97 14.70 9.61
CA MET G 21 -18.89 15.68 9.56
C MET G 21 -18.03 15.52 8.31
N PHE G 22 -17.72 14.28 7.93
CA PHE G 22 -16.99 14.09 6.68
C PHE G 22 -17.79 14.60 5.50
N TYR G 23 -19.11 14.36 5.49
CA TYR G 23 -19.93 14.77 4.36
C TYR G 23 -19.92 16.29 4.18
N ILE G 24 -20.18 17.03 5.25
CA ILE G 24 -20.31 18.48 5.10
C ILE G 24 -18.95 19.13 4.86
N PHE G 25 -17.91 18.65 5.55
CA PHE G 25 -16.57 19.17 5.29
C PHE G 25 -16.04 18.78 3.92
N ALA G 26 -16.55 17.71 3.32
CA ALA G 26 -16.18 17.38 1.95
C ALA G 26 -16.91 18.28 0.96
N VAL G 27 -18.23 18.44 1.13
CA VAL G 27 -18.97 19.39 0.31
C VAL G 27 -18.35 20.77 0.44
N MET G 28 -17.94 21.14 1.65
CA MET G 28 -17.34 22.44 1.87
C MET G 28 -15.91 22.49 1.32
N GLY G 29 -15.16 21.39 1.48
CA GLY G 29 -13.83 21.33 0.91
C GLY G 29 -13.83 21.43 -0.60
N THR G 30 -14.83 20.85 -1.25
CA THR G 30 -14.95 20.91 -2.71
C THR G 30 -15.13 22.36 -3.17
N GLU G 31 -16.03 23.09 -2.52
CA GLU G 31 -16.22 24.51 -2.82
C GLU G 31 -14.91 25.29 -2.67
N LEU G 32 -14.35 25.26 -1.47
CA LEU G 32 -13.29 26.21 -1.12
C LEU G 32 -12.04 26.01 -1.97
N PHE G 33 -11.71 24.76 -2.28
CA PHE G 33 -10.36 24.41 -2.72
C PHE G 33 -10.31 23.73 -4.07
N GLY G 34 -11.30 22.89 -4.40
CA GLY G 34 -11.30 22.07 -5.60
C GLY G 34 -10.89 22.75 -6.90
N GLU G 35 -11.20 24.04 -7.05
CA GLU G 35 -10.77 24.73 -8.26
C GLU G 35 -9.25 24.83 -8.34
N ALA G 36 -8.58 25.12 -7.23
CA ALA G 36 -7.14 25.19 -7.23
C ALA G 36 -6.47 23.84 -6.97
N PHE G 37 -7.21 22.87 -6.44
CA PHE G 37 -6.66 21.55 -6.11
C PHE G 37 -7.63 20.46 -6.60
N PRO G 38 -7.74 20.28 -7.92
CA PRO G 38 -8.67 19.27 -8.43
C PRO G 38 -8.31 17.85 -8.03
N GLN G 39 -7.02 17.58 -7.83
CA GLN G 39 -6.55 16.25 -7.47
C GLN G 39 -7.08 15.80 -6.12
N TRP G 40 -7.18 16.73 -5.17
CA TRP G 40 -7.48 16.43 -3.78
C TRP G 40 -8.92 16.74 -3.41
N PHE G 41 -9.46 17.84 -3.90
CA PHE G 41 -10.78 18.32 -3.53
C PHE G 41 -11.65 18.59 -4.76
N GLY G 42 -11.24 18.08 -5.93
CA GLY G 42 -11.94 18.41 -7.16
C GLY G 42 -13.32 17.79 -7.26
N SER G 43 -13.51 16.61 -6.68
CA SER G 43 -14.81 15.97 -6.62
C SER G 43 -15.19 15.74 -5.17
N LEU G 44 -16.47 15.41 -4.96
CA LEU G 44 -16.94 15.11 -3.61
C LEU G 44 -16.26 13.86 -3.06
N GLY G 45 -16.02 12.88 -3.93
CA GLY G 45 -15.31 11.68 -3.50
C GLY G 45 -13.87 11.97 -3.13
N ALA G 46 -13.17 12.74 -3.98
CA ALA G 46 -11.78 13.10 -3.68
C ALA G 46 -11.69 13.87 -2.37
N SER G 47 -12.66 14.73 -2.09
CA SER G 47 -12.65 15.50 -0.85
C SER G 47 -12.79 14.57 0.35
N ILE G 48 -13.74 13.63 0.29
CA ILE G 48 -13.98 12.69 1.38
C ILE G 48 -12.71 11.90 1.67
N TYR G 49 -11.91 11.62 0.64
CA TYR G 49 -10.75 10.76 0.80
C TYR G 49 -9.54 11.53 1.30
N SER G 50 -9.33 12.75 0.81
CA SER G 50 -8.24 13.58 1.34
C SER G 50 -8.49 13.96 2.79
N LEU G 51 -9.76 14.17 3.18
CA LEU G 51 -10.08 14.39 4.58
C LEU G 51 -9.77 13.15 5.40
N PHE G 52 -10.16 11.97 4.89
CA PHE G 52 -9.86 10.72 5.57
C PHE G 52 -8.36 10.49 5.69
N GLN G 53 -7.58 10.85 4.67
CA GLN G 53 -6.13 10.74 4.77
C GLN G 53 -5.57 11.69 5.82
N ILE G 54 -6.11 12.91 5.90
CA ILE G 54 -5.64 13.86 6.91
C ILE G 54 -5.83 13.29 8.31
N MET G 55 -6.97 12.66 8.57
CA MET G 55 -7.25 12.14 9.91
C MET G 55 -6.34 10.97 10.26
N THR G 56 -6.05 10.09 9.29
CA THR G 56 -5.23 8.92 9.54
C THR G 56 -3.74 9.19 9.39
N LEU G 57 -3.34 10.46 9.38
CA LEU G 57 -1.94 10.87 9.42
C LEU G 57 -1.13 10.34 8.24
N GLU G 58 -1.80 9.95 7.15
CA GLU G 58 -1.10 9.61 5.92
C GLU G 58 -0.80 10.86 5.08
N SER G 59 -0.97 12.03 5.70
CA SER G 59 -0.62 13.33 5.17
C SER G 59 0.28 14.06 6.16
N TRP G 60 1.32 13.35 6.63
CA TRP G 60 2.18 13.83 7.69
C TRP G 60 3.59 14.18 7.23
N SER G 61 4.05 13.60 6.12
CA SER G 61 5.22 14.05 5.40
C SER G 61 4.90 14.44 3.97
N MET G 62 3.88 13.84 3.38
CA MET G 62 3.29 14.24 2.10
C MET G 62 2.04 15.07 2.33
N GLY G 63 2.05 15.84 3.41
CA GLY G 63 0.89 16.48 4.02
C GLY G 63 0.02 17.38 3.19
N ILE G 64 -1.14 16.85 2.81
CA ILE G 64 -2.10 17.57 1.98
C ILE G 64 -2.41 18.95 2.54
N ALA G 65 -2.44 19.06 3.87
CA ALA G 65 -2.83 20.32 4.51
C ALA G 65 -1.85 21.45 4.18
N ARG G 66 -0.51 21.20 4.34
CA ARG G 66 0.48 22.25 4.16
C ARG G 66 0.32 23.01 2.83
N PRO G 67 0.37 22.35 1.66
CA PRO G 67 0.23 23.09 0.40
C PRO G 67 -1.01 23.95 0.30
N VAL G 68 -2.17 23.44 0.73
CA VAL G 68 -3.38 24.26 0.70
C VAL G 68 -3.27 25.40 1.69
N MET G 69 -2.65 25.15 2.85
CA MET G 69 -2.38 26.22 3.81
C MET G 69 -1.52 27.31 3.20
N GLU G 70 -0.57 26.93 2.34
CA GLU G 70 0.37 27.91 1.79
C GLU G 70 -0.31 28.77 0.74
N VAL G 71 -1.21 28.19 -0.05
CA VAL G 71 -1.89 28.94 -1.10
C VAL G 71 -2.94 29.86 -0.49
N TYR G 72 -3.89 29.30 0.27
CA TYR G 72 -4.85 30.11 1.00
C TYR G 72 -4.35 30.22 2.43
N PRO G 73 -3.86 31.38 2.87
CA PRO G 73 -3.24 31.45 4.21
C PRO G 73 -4.23 31.28 5.34
N LEU G 74 -5.53 31.42 5.08
CA LEU G 74 -6.55 31.42 6.11
C LEU G 74 -7.30 30.09 6.20
N ALA G 75 -6.81 29.05 5.53
CA ALA G 75 -7.53 27.80 5.38
C ALA G 75 -7.47 26.92 6.62
N TRP G 76 -6.75 27.32 7.67
CA TRP G 76 -6.84 26.59 8.93
C TRP G 76 -8.24 26.70 9.56
N ILE G 77 -8.99 27.75 9.22
CA ILE G 77 -10.36 27.94 9.72
C ILE G 77 -11.24 26.74 9.32
N PHE G 78 -10.79 25.94 8.35
CA PHE G 78 -11.46 24.70 7.98
C PHE G 78 -10.69 23.44 8.37
N PHE G 79 -9.37 23.39 8.17
CA PHE G 79 -8.64 22.17 8.53
C PHE G 79 -8.54 21.97 10.04
N VAL G 80 -8.58 23.04 10.82
CA VAL G 80 -8.50 22.89 12.28
C VAL G 80 -9.84 22.40 12.83
N PRO G 81 -10.98 23.07 12.59
CA PRO G 81 -12.24 22.57 13.19
C PRO G 81 -12.60 21.16 12.74
N PHE G 82 -12.34 20.81 11.49
CA PHE G 82 -12.56 19.44 11.04
C PHE G 82 -11.78 18.44 11.88
N ILE G 83 -10.47 18.66 12.02
CA ILE G 83 -9.64 17.73 12.79
C ILE G 83 -10.08 17.68 14.24
N LEU G 84 -10.57 18.79 14.78
CA LEU G 84 -11.02 18.81 16.17
C LEU G 84 -12.30 18.00 16.35
N ILE G 85 -13.37 18.38 15.63
CA ILE G 85 -14.66 17.74 15.82
C ILE G 85 -14.58 16.25 15.51
N SER G 86 -13.88 15.88 14.43
CA SER G 86 -13.82 14.48 14.02
C SER G 86 -12.91 13.65 14.91
N SER G 87 -11.96 14.27 15.62
CA SER G 87 -11.22 13.56 16.65
C SER G 87 -12.02 13.45 17.93
N PHE G 88 -12.74 14.51 18.29
CA PHE G 88 -13.55 14.51 19.50
C PHE G 88 -14.69 13.49 19.40
N MET G 89 -15.21 13.24 18.20
CA MET G 89 -16.25 12.24 18.05
C MET G 89 -15.70 10.83 18.24
N VAL G 90 -14.56 10.53 17.61
CA VAL G 90 -13.93 9.22 17.79
C VAL G 90 -13.55 9.00 19.24
N LEU G 91 -13.15 10.06 19.94
CA LEU G 91 -12.90 9.96 21.38
C LEU G 91 -14.17 9.58 22.12
N ASN G 92 -15.30 10.18 21.75
CA ASN G 92 -16.56 9.88 22.40
C ASN G 92 -17.04 8.46 22.13
N LEU G 93 -16.50 7.81 21.10
CA LEU G 93 -16.80 6.40 20.89
C LEU G 93 -16.15 5.54 21.97
N PHE G 94 -14.89 5.82 22.29
CA PHE G 94 -14.20 5.07 23.34
C PHE G 94 -14.68 5.48 24.73
N ILE G 95 -14.90 6.78 24.94
CA ILE G 95 -15.41 7.24 26.24
C ILE G 95 -16.74 6.57 26.58
N ALA G 96 -17.62 6.43 25.59
CA ALA G 96 -18.94 5.85 25.84
C ALA G 96 -18.82 4.40 26.32
N ILE G 97 -17.83 3.67 25.81
CA ILE G 97 -17.63 2.29 26.26
C ILE G 97 -16.96 2.27 27.63
N ILE G 98 -16.02 3.19 27.86
CA ILE G 98 -15.39 3.30 29.18
C ILE G 98 -16.45 3.58 30.24
N VAL G 99 -17.32 4.56 29.99
CA VAL G 99 -18.39 4.89 30.93
C VAL G 99 -19.29 3.68 31.14
N SER G 100 -19.75 3.07 30.05
CA SER G 100 -20.66 1.94 30.14
C SER G 100 -20.13 0.83 31.04
N ALA G 101 -18.82 0.56 30.96
CA ALA G 101 -18.25 -0.49 31.78
C ALA G 101 -18.17 -0.08 33.25
N THR G 102 -17.55 1.06 33.53
CA THR G 102 -17.40 1.49 34.92
C THR G 102 -18.73 1.88 35.55
N GLN G 103 -19.69 2.32 34.74
CA GLN G 103 -21.03 2.59 35.25
C GLN G 103 -21.65 1.32 35.83
N GLU G 104 -21.41 0.17 35.18
CA GLU G 104 -21.96 -1.09 35.65
C GLU G 104 -21.34 -1.52 36.97
N VAL G 105 -20.02 -1.38 37.10
CA VAL G 105 -19.33 -1.80 38.32
C VAL G 105 -19.83 -0.98 39.51
N HIS G 106 -19.92 0.34 39.34
CA HIS G 106 -20.44 1.20 40.41
C HIS G 106 -21.84 0.78 40.84
N GLU G 107 -22.66 0.33 39.89
CA GLU G 107 -24.04 -0.06 40.21
C GLU G 107 -24.12 -1.43 40.86
N SER G 108 -23.10 -2.26 40.71
CA SER G 108 -23.06 -3.56 41.39
C SER G 108 -22.51 -3.42 42.80
N GLU G 109 -21.46 -2.63 42.98
CA GLU G 109 -20.96 -2.31 44.31
C GLU G 109 -22.00 -1.52 45.12
N GLN G 110 -22.99 -0.93 44.44
CA GLN G 110 -24.02 -0.17 45.12
C GLN G 110 -24.95 -1.08 45.90
N ARG G 111 -25.28 -2.26 45.33
CA ARG G 111 -26.08 -3.25 46.07
C ARG G 111 -25.26 -3.91 47.17
N ALA G 112 -24.15 -4.56 46.80
CA ALA G 112 -23.38 -5.36 47.75
C ALA G 112 -23.00 -4.58 49.00
N GLU G 113 -23.04 -3.25 48.95
CA GLU G 113 -22.87 -2.42 50.13
C GLU G 113 -24.19 -2.14 50.84
N ARG G 114 -25.30 -2.10 50.09
CA ARG G 114 -26.61 -1.89 50.69
C ARG G 114 -27.21 -3.17 51.26
N GLU G 115 -26.82 -4.33 50.72
CA GLU G 115 -27.25 -5.60 51.31
C GLU G 115 -26.44 -5.92 52.57
N ALA G 116 -25.15 -5.57 52.57
CA ALA G 116 -24.35 -5.72 53.78
C ALA G 116 -24.95 -4.93 54.93
N ASN G 117 -25.40 -3.70 54.66
CA ASN G 117 -25.97 -2.87 55.71
C ASN G 117 -27.31 -3.45 56.19
N ASN G 118 -28.15 -3.88 55.26
CA ASN G 118 -29.40 -4.55 55.66
C ASN G 118 -29.12 -5.83 56.44
N LEU G 119 -28.09 -6.57 56.05
CA LEU G 119 -27.73 -7.78 56.77
C LEU G 119 -27.29 -7.48 58.19
N ILE G 120 -26.34 -6.55 58.35
CA ILE G 120 -25.82 -6.21 59.67
C ILE G 120 -26.95 -5.72 60.57
N ALA G 121 -27.91 -4.99 60.02
CA ALA G 121 -29.05 -4.54 60.81
C ALA G 121 -29.93 -5.71 61.23
N HIS G 122 -30.34 -6.54 60.27
CA HIS G 122 -31.12 -7.74 60.56
C HIS G 122 -30.47 -8.57 61.67
N ASP G 123 -29.15 -8.72 61.62
CA ASP G 123 -28.46 -9.56 62.59
C ASP G 123 -28.23 -8.85 63.92
N GLU G 124 -27.98 -7.55 63.89
CA GLU G 124 -27.86 -6.81 65.15
C GLU G 124 -29.17 -6.75 65.91
N ARG G 125 -30.30 -6.67 65.20
CA ARG G 125 -31.60 -6.74 65.87
C ARG G 125 -31.87 -8.14 66.40
N GLN G 126 -31.53 -9.17 65.61
CA GLN G 126 -31.77 -10.55 66.04
C GLN G 126 -30.96 -10.89 67.27
N GLU G 127 -29.72 -10.38 67.35
CA GLU G 127 -28.92 -10.55 68.56
C GLU G 127 -29.57 -9.89 69.75
N MET G 128 -30.06 -8.66 69.57
CA MET G 128 -30.73 -7.95 70.65
C MET G 128 -32.00 -8.67 71.08
N LEU G 129 -32.75 -9.20 70.12
CA LEU G 129 -34.07 -9.73 70.42
C LEU G 129 -33.97 -11.05 71.17
N ASP G 130 -33.01 -11.90 70.79
CA ASP G 130 -32.76 -13.12 71.56
C ASP G 130 -32.33 -12.79 72.98
N LEU G 131 -31.42 -11.83 73.13
CA LEU G 131 -31.01 -11.40 74.46
C LEU G 131 -32.16 -10.78 75.24
N MET G 132 -33.22 -10.33 74.56
CA MET G 132 -34.41 -9.88 75.27
C MET G 132 -35.18 -11.06 75.86
N ARG G 133 -35.53 -12.03 75.03
CA ARG G 133 -36.37 -13.15 75.46
C ARG G 133 -35.73 -13.88 76.63
N ALA G 134 -34.42 -14.10 76.56
CA ALA G 134 -33.70 -14.72 77.66
C ALA G 134 -33.83 -13.92 78.94
N MET G 135 -33.86 -12.59 78.81
CA MET G 135 -34.00 -11.74 79.99
C MET G 135 -35.43 -11.75 80.51
N HIS G 136 -36.41 -11.81 79.60
CA HIS G 136 -37.81 -11.88 80.01
C HIS G 136 -38.10 -13.18 80.75
N ALA G 137 -37.44 -14.27 80.35
CA ALA G 137 -37.64 -15.54 81.05
C ALA G 137 -37.09 -15.46 82.47
N LYS G 138 -35.87 -14.93 82.61
CA LYS G 138 -35.21 -14.82 83.90
C LYS G 138 -35.82 -13.74 84.78
N ILE G 139 -36.76 -12.96 84.27
CA ILE G 139 -37.55 -12.08 85.11
C ILE G 139 -38.77 -12.80 85.65
N VAL G 140 -39.42 -13.58 84.79
CA VAL G 140 -40.53 -14.40 85.23
C VAL G 140 -40.08 -15.33 86.35
N ALA G 141 -38.94 -15.98 86.18
CA ALA G 141 -38.38 -16.82 87.22
C ALA G 141 -38.01 -16.03 88.47
N LEU G 142 -37.81 -14.73 88.35
CA LEU G 142 -37.55 -13.90 89.52
C LEU G 142 -38.83 -13.40 90.18
N GLU G 143 -39.97 -13.51 89.49
CA GLU G 143 -41.27 -13.20 90.09
C GLU G 143 -41.97 -14.46 90.61
N GLN G 144 -41.38 -15.63 90.41
CA GLN G 144 -41.93 -16.84 90.98
C GLN G 144 -41.34 -17.16 92.33
N GLN G 145 -40.07 -16.78 92.54
CA GLN G 145 -39.49 -16.76 93.87
C GLN G 145 -40.18 -15.76 94.78
N GLY G 146 -41.03 -14.90 94.23
CA GLY G 146 -41.75 -13.91 95.02
C GLY G 146 -43.14 -14.34 95.46
N LYS G 147 -43.79 -15.20 94.67
CA LYS G 147 -45.15 -15.63 94.97
C LYS G 147 -45.26 -16.30 96.33
N GLU H 2 -14.34 10.81 36.50
CA GLU H 2 -15.24 10.48 35.40
C GLU H 2 -16.52 11.30 35.41
N SER H 3 -16.48 12.63 35.50
CA SER H 3 -17.79 13.25 35.57
C SER H 3 -18.06 14.23 34.45
N LEU H 4 -17.08 15.04 34.05
CA LEU H 4 -17.24 15.79 32.81
C LEU H 4 -16.93 14.92 31.61
N MET H 5 -16.18 13.83 31.80
CA MET H 5 -15.98 12.85 30.75
C MET H 5 -17.25 12.08 30.39
N GLN H 6 -18.22 12.00 31.31
CA GLN H 6 -19.48 11.34 30.96
C GLN H 6 -20.35 12.21 30.05
N ALA H 7 -19.99 13.48 29.85
CA ALA H 7 -20.86 14.40 29.15
C ALA H 7 -20.33 14.85 27.80
N LEU H 8 -19.12 14.44 27.41
CA LEU H 8 -18.53 14.91 26.17
C LEU H 8 -19.24 14.42 24.90
N PRO H 9 -19.67 13.15 24.81
CA PRO H 9 -20.40 12.73 23.60
C PRO H 9 -21.64 13.57 23.32
N GLY H 10 -22.36 13.98 24.35
CA GLY H 10 -23.49 14.89 24.13
C GLY H 10 -23.04 16.26 23.66
N ILE H 11 -21.92 16.76 24.21
CA ILE H 11 -21.34 18.02 23.74
C ILE H 11 -21.06 17.94 22.25
N GLY H 12 -20.49 16.83 21.79
CA GLY H 12 -20.17 16.69 20.37
C GLY H 12 -21.41 16.63 19.49
N TRP H 13 -22.44 15.94 19.97
CA TRP H 13 -23.69 15.86 19.21
C TRP H 13 -24.28 17.24 18.97
N THR H 14 -24.26 18.09 20.00
CA THR H 14 -24.70 19.47 19.84
C THR H 14 -23.76 20.23 18.91
N ALA H 15 -22.45 20.11 19.13
CA ALA H 15 -21.48 20.79 18.27
C ALA H 15 -21.59 20.30 16.83
N ALA H 16 -21.75 18.99 16.64
CA ALA H 16 -21.88 18.44 15.31
C ALA H 16 -23.14 18.97 14.62
N LEU H 17 -24.30 18.82 15.27
CA LEU H 17 -25.54 19.30 14.69
C LEU H 17 -25.55 20.82 14.53
N LEU H 18 -24.73 21.54 15.29
CA LEU H 18 -24.62 22.99 15.09
C LEU H 18 -23.97 23.31 13.76
N LEU H 19 -22.85 22.65 13.44
CA LEU H 19 -22.22 22.84 12.14
C LEU H 19 -23.14 22.38 11.01
N MET H 20 -23.98 21.37 11.27
CA MET H 20 -24.95 20.97 10.27
C MET H 20 -25.93 22.08 9.97
N MET H 21 -26.23 22.93 10.96
CA MET H 21 -27.15 24.03 10.74
C MET H 21 -26.55 25.11 9.84
N PHE H 22 -25.27 25.45 10.05
CA PHE H 22 -24.64 26.39 9.14
C PHE H 22 -24.62 25.85 7.72
N TYR H 23 -24.34 24.56 7.55
CA TYR H 23 -24.26 23.98 6.20
C TYR H 23 -25.58 24.09 5.46
N ILE H 24 -26.67 23.65 6.08
CA ILE H 24 -27.94 23.61 5.37
C ILE H 24 -28.50 25.02 5.16
N PHE H 25 -28.35 25.89 6.16
CA PHE H 25 -28.80 27.27 5.99
C PHE H 25 -27.93 28.04 5.01
N ALA H 26 -26.68 27.61 4.80
CA ALA H 26 -25.85 28.23 3.75
C ALA H 26 -26.28 27.74 2.37
N VAL H 27 -26.46 26.43 2.22
CA VAL H 27 -27.02 25.90 0.98
C VAL H 27 -28.37 26.52 0.68
N MET H 28 -29.23 26.68 1.70
CA MET H 28 -30.49 27.39 1.49
C MET H 28 -30.28 28.86 1.22
N GLY H 29 -29.38 29.51 1.96
CA GLY H 29 -29.15 30.92 1.74
C GLY H 29 -28.67 31.21 0.34
N THR H 30 -27.86 30.31 -0.22
CA THR H 30 -27.36 30.49 -1.58
C THR H 30 -28.50 30.45 -2.59
N GLU H 31 -29.39 29.46 -2.47
CA GLU H 31 -30.58 29.40 -3.32
C GLU H 31 -31.40 30.68 -3.23
N LEU H 32 -31.86 31.01 -2.03
CA LEU H 32 -32.91 32.02 -1.87
C LEU H 32 -32.44 33.39 -2.32
N PHE H 33 -31.18 33.73 -2.06
CA PHE H 33 -30.76 35.13 -2.06
C PHE H 33 -29.60 35.41 -3.00
N GLY H 34 -28.67 34.47 -3.15
CA GLY H 34 -27.45 34.66 -3.91
C GLY H 34 -27.57 35.34 -5.27
N GLU H 35 -28.69 35.13 -5.96
CA GLU H 35 -28.86 35.80 -7.24
C GLU H 35 -28.97 37.31 -7.07
N ALA H 36 -29.71 37.75 -6.05
CA ALA H 36 -29.83 39.20 -5.81
C ALA H 36 -28.72 39.73 -4.92
N PHE H 37 -28.00 38.86 -4.21
CA PHE H 37 -26.93 39.28 -3.29
C PHE H 37 -25.72 38.38 -3.49
N PRO H 38 -25.02 38.53 -4.64
CA PRO H 38 -23.86 37.67 -4.89
C PRO H 38 -22.72 37.89 -3.91
N GLN H 39 -22.60 39.10 -3.37
CA GLN H 39 -21.52 39.42 -2.45
C GLN H 39 -21.62 38.63 -1.16
N TRP H 40 -22.84 38.38 -0.68
CA TRP H 40 -23.10 37.82 0.64
C TRP H 40 -23.47 36.35 0.58
N PHE H 41 -24.28 35.96 -0.41
CA PHE H 41 -24.81 34.61 -0.51
C PHE H 41 -24.54 34.02 -1.90
N GLY H 42 -23.64 34.62 -2.67
CA GLY H 42 -23.44 34.18 -4.04
C GLY H 42 -22.78 32.83 -4.16
N SER H 43 -21.91 32.48 -3.21
CA SER H 43 -21.29 31.17 -3.16
C SER H 43 -21.63 30.50 -1.84
N LEU H 44 -21.36 29.19 -1.77
CA LEU H 44 -21.59 28.47 -0.53
C LEU H 44 -20.67 28.97 0.57
N GLY H 45 -19.44 29.33 0.22
CA GLY H 45 -18.54 29.90 1.22
C GLY H 45 -19.01 31.26 1.71
N ALA H 46 -19.40 32.13 0.79
CA ALA H 46 -19.90 33.45 1.18
C ALA H 46 -21.12 33.32 2.08
N SER H 47 -21.99 32.34 1.81
CA SER H 47 -23.18 32.15 2.65
C SER H 47 -22.79 31.72 4.07
N ILE H 48 -21.91 30.73 4.19
CA ILE H 48 -21.38 30.33 5.49
C ILE H 48 -20.85 31.50 6.29
N TYR H 49 -20.21 32.45 5.62
CA TYR H 49 -19.52 33.51 6.32
C TYR H 49 -20.47 34.64 6.71
N SER H 50 -21.42 34.98 5.84
CA SER H 50 -22.42 35.98 6.21
C SER H 50 -23.32 35.46 7.32
N LEU H 51 -23.62 34.16 7.34
CA LEU H 51 -24.35 33.59 8.46
C LEU H 51 -23.54 33.67 9.75
N PHE H 52 -22.25 33.34 9.66
CA PHE H 52 -21.37 33.46 10.83
C PHE H 52 -21.26 34.90 11.31
N GLN H 53 -21.23 35.87 10.39
CA GLN H 53 -21.22 37.26 10.80
C GLN H 53 -22.53 37.65 11.50
N ILE H 54 -23.66 37.16 11.00
CA ILE H 54 -24.94 37.45 11.62
C ILE H 54 -24.95 36.98 13.08
N MET H 55 -24.42 35.78 13.33
CA MET H 55 -24.46 35.24 14.68
C MET H 55 -23.55 36.01 15.62
N THR H 56 -22.39 36.44 15.15
CA THR H 56 -21.42 37.15 15.99
C THR H 56 -21.67 38.65 16.04
N LEU H 57 -22.86 39.09 15.63
CA LEU H 57 -23.30 40.48 15.77
C LEU H 57 -22.40 41.48 15.06
N GLU H 58 -21.59 41.01 14.10
CA GLU H 58 -20.83 41.92 13.25
C GLU H 58 -21.68 42.42 12.08
N SER H 59 -22.99 42.17 12.12
CA SER H 59 -23.92 42.75 11.17
C SER H 59 -25.03 43.45 11.95
N TRP H 60 -24.63 44.31 12.88
CA TRP H 60 -25.60 44.97 13.73
C TRP H 60 -25.80 46.44 13.40
N SER H 61 -24.78 47.11 12.88
CA SER H 61 -24.93 48.43 12.27
C SER H 61 -24.73 48.41 10.77
N MET H 62 -23.85 47.53 10.27
CA MET H 62 -23.81 47.18 8.85
C MET H 62 -25.08 46.43 8.47
N GLY H 63 -25.46 45.47 9.30
CA GLY H 63 -26.66 44.67 9.23
C GLY H 63 -27.02 43.88 8.00
N ILE H 64 -26.28 42.81 7.65
CA ILE H 64 -26.57 42.04 6.44
C ILE H 64 -28.04 41.67 6.34
N ALA H 65 -28.67 41.35 7.48
CA ALA H 65 -30.05 40.88 7.47
C ALA H 65 -31.01 41.93 6.91
N ARG H 66 -30.91 43.17 7.38
CA ARG H 66 -31.90 44.19 7.01
C ARG H 66 -32.02 44.44 5.51
N PRO H 67 -30.95 44.69 4.75
CA PRO H 67 -31.12 44.85 3.30
C PRO H 67 -31.83 43.69 2.62
N VAL H 68 -31.49 42.45 2.99
CA VAL H 68 -32.19 41.30 2.42
C VAL H 68 -33.63 41.26 2.90
N MET H 69 -33.87 41.63 4.17
CA MET H 69 -35.24 41.76 4.67
C MET H 69 -36.03 42.78 3.87
N GLU H 70 -35.36 43.86 3.45
CA GLU H 70 -36.01 44.96 2.74
C GLU H 70 -36.38 44.57 1.32
N VAL H 71 -35.58 43.72 0.68
CA VAL H 71 -35.86 43.30 -0.70
C VAL H 71 -36.90 42.19 -0.71
N TYR H 72 -36.64 41.09 0.00
CA TYR H 72 -37.64 40.04 0.15
C TYR H 72 -38.31 40.27 1.49
N PRO H 73 -39.58 40.71 1.53
CA PRO H 73 -40.18 41.06 2.83
C PRO H 73 -40.43 39.87 3.73
N LEU H 74 -40.41 38.65 3.20
CA LEU H 74 -40.77 37.45 3.93
C LEU H 74 -39.55 36.65 4.38
N ALA H 75 -38.35 37.22 4.27
CA ALA H 75 -37.12 36.47 4.49
C ALA H 75 -36.79 36.26 5.96
N TRP H 76 -37.60 36.80 6.89
CA TRP H 76 -37.42 36.42 8.28
C TRP H 76 -37.70 34.94 8.52
N ILE H 77 -38.50 34.30 7.64
CA ILE H 77 -38.80 32.88 7.78
C ILE H 77 -37.52 32.04 7.70
N PHE H 78 -36.42 32.62 7.24
CA PHE H 78 -35.10 31.99 7.26
C PHE H 78 -34.13 32.63 8.25
N PHE H 79 -34.07 33.95 8.35
CA PHE H 79 -33.11 34.55 9.28
C PHE H 79 -33.51 34.35 10.74
N VAL H 80 -34.80 34.21 11.03
CA VAL H 80 -35.23 33.99 12.41
C VAL H 80 -34.94 32.56 12.85
N PRO H 81 -35.42 31.51 12.15
CA PRO H 81 -35.15 30.15 12.63
C PRO H 81 -33.68 29.82 12.71
N PHE H 82 -32.87 30.30 11.76
CA PHE H 82 -31.41 30.11 11.84
C PHE H 82 -30.85 30.67 13.14
N ILE H 83 -31.16 31.94 13.44
CA ILE H 83 -30.63 32.57 14.65
C ILE H 83 -31.14 31.85 15.90
N LEU H 84 -32.35 31.31 15.85
CA LEU H 84 -32.89 30.61 17.01
C LEU H 84 -32.16 29.28 17.23
N ILE H 85 -32.19 28.39 16.23
CA ILE H 85 -31.63 27.06 16.41
C ILE H 85 -30.14 27.13 16.72
N SER H 86 -29.40 28.02 16.02
CA SER H 86 -27.96 28.10 16.21
C SER H 86 -27.57 28.79 17.51
N SER H 87 -28.46 29.60 18.09
CA SER H 87 -28.23 30.11 19.43
C SER H 87 -28.59 29.07 20.48
N PHE H 88 -29.69 28.34 20.25
CA PHE H 88 -30.12 27.30 21.18
C PHE H 88 -29.11 26.17 21.27
N MET H 89 -28.39 25.89 20.19
CA MET H 89 -27.37 24.84 20.24
C MET H 89 -26.17 25.29 21.06
N VAL H 90 -25.69 26.52 20.83
CA VAL H 90 -24.58 27.05 21.62
C VAL H 90 -24.95 27.13 23.09
N LEU H 91 -26.22 27.44 23.39
CA LEU H 91 -26.69 27.40 24.77
C LEU H 91 -26.58 25.99 25.34
N ASN H 92 -26.95 24.98 24.55
CA ASN H 92 -26.89 23.60 25.01
C ASN H 92 -25.45 23.12 25.24
N LEU H 93 -24.47 23.83 24.66
CA LEU H 93 -23.07 23.52 24.96
C LEU H 93 -22.73 23.92 26.39
N PHE H 94 -23.17 25.10 26.82
CA PHE H 94 -22.91 25.54 28.19
C PHE H 94 -23.80 24.83 29.18
N ILE H 95 -25.07 24.61 28.84
CA ILE H 95 -25.98 23.89 29.72
C ILE H 95 -25.44 22.50 30.02
N ALA H 96 -24.90 21.81 29.02
CA ALA H 96 -24.42 20.46 29.23
C ALA H 96 -23.27 20.41 30.23
N ILE H 97 -22.42 21.45 30.25
CA ILE H 97 -21.34 21.51 31.23
C ILE H 97 -21.87 21.90 32.60
N ILE H 98 -22.85 22.81 32.64
CA ILE H 98 -23.48 23.17 33.91
C ILE H 98 -24.12 21.95 34.55
N VAL H 99 -24.89 21.19 33.77
CA VAL H 99 -25.52 19.98 34.28
C VAL H 99 -24.46 18.99 34.77
N SER H 100 -23.45 18.73 33.93
CA SER H 100 -22.41 17.77 34.27
C SER H 100 -21.76 18.07 35.62
N ALA H 101 -21.53 19.36 35.91
CA ALA H 101 -20.90 19.72 37.17
C ALA H 101 -21.85 19.53 38.34
N THR H 102 -23.03 20.13 38.28
CA THR H 102 -23.97 20.04 39.39
C THR H 102 -24.53 18.61 39.55
N GLN H 103 -24.58 17.85 38.46
CA GLN H 103 -24.97 16.44 38.56
C GLN H 103 -24.00 15.68 39.46
N GLU H 104 -22.71 16.00 39.36
CA GLU H 104 -21.71 15.31 40.16
C GLU H 104 -21.85 15.65 41.65
N VAL H 105 -22.08 16.93 41.96
CA VAL H 105 -22.20 17.35 43.35
C VAL H 105 -23.39 16.65 44.01
N HIS H 106 -24.54 16.65 43.33
CA HIS H 106 -25.72 15.98 43.86
C HIS H 106 -25.45 14.51 44.14
N GLU H 107 -24.65 13.86 43.31
CA GLU H 107 -24.36 12.44 43.48
C GLU H 107 -23.34 12.16 44.57
N SER H 108 -22.55 13.17 44.96
CA SER H 108 -21.62 13.01 46.08
C SER H 108 -22.31 13.30 47.41
N GLU H 109 -23.16 14.33 47.46
CA GLU H 109 -23.99 14.56 48.63
C GLU H 109 -24.98 13.43 48.86
N GLN H 110 -25.22 12.62 47.83
CA GLN H 110 -26.15 11.50 47.94
C GLN H 110 -25.57 10.40 48.82
N ARG H 111 -24.27 10.13 48.70
CA ARG H 111 -23.61 9.18 49.59
C ARG H 111 -23.46 9.74 51.01
N ALA H 112 -22.76 10.87 51.14
CA ALA H 112 -22.42 11.41 52.46
C ALA H 112 -23.64 11.58 53.35
N GLU H 113 -24.84 11.59 52.77
CA GLU H 113 -26.07 11.58 53.56
C GLU H 113 -26.55 10.16 53.82
N ARG H 114 -26.25 9.21 52.93
CA ARG H 114 -26.63 7.82 53.13
C ARG H 114 -25.65 7.07 54.02
N GLU H 115 -24.39 7.51 54.07
CA GLU H 115 -23.43 6.93 55.01
C GLU H 115 -23.66 7.46 56.42
N ALA H 116 -24.02 8.74 56.54
CA ALA H 116 -24.38 9.28 57.84
C ALA H 116 -25.54 8.51 58.46
N ASN H 117 -26.55 8.17 57.65
CA ASN H 117 -27.71 7.43 58.16
C ASN H 117 -27.31 6.02 58.56
N ASN H 118 -26.51 5.34 57.74
CA ASN H 118 -26.01 4.02 58.11
C ASN H 118 -25.14 4.08 59.35
N LEU H 119 -24.35 5.16 59.49
CA LEU H 119 -23.52 5.31 60.68
C LEU H 119 -24.38 5.47 61.93
N ILE H 120 -25.32 6.42 61.90
CA ILE H 120 -26.17 6.68 63.06
C ILE H 120 -26.92 5.43 63.46
N ALA H 121 -27.37 4.62 62.48
CA ALA H 121 -28.04 3.38 62.80
C ALA H 121 -27.08 2.39 63.48
N HIS H 122 -25.92 2.18 62.88
CA HIS H 122 -24.94 1.26 63.46
C HIS H 122 -24.54 1.66 64.86
N ASP H 123 -24.47 2.97 65.14
CA ASP H 123 -24.11 3.41 66.47
C ASP H 123 -25.29 3.40 67.44
N GLU H 124 -26.50 3.69 66.96
CA GLU H 124 -27.66 3.61 67.83
C GLU H 124 -27.96 2.18 68.24
N ARG H 125 -27.73 1.21 67.36
CA ARG H 125 -27.88 -0.19 67.73
C ARG H 125 -26.78 -0.63 68.70
N GLN H 126 -25.54 -0.18 68.45
CA GLN H 126 -24.43 -0.56 69.32
C GLN H 126 -24.62 0.00 70.73
N GLU H 127 -25.17 1.20 70.84
CA GLU H 127 -25.50 1.76 72.15
C GLU H 127 -26.56 0.91 72.84
N MET H 128 -27.60 0.52 72.11
CA MET H 128 -28.65 -0.31 72.68
C MET H 128 -28.10 -1.67 73.10
N LEU H 129 -27.21 -2.24 72.29
CA LEU H 129 -26.80 -3.62 72.52
C LEU H 129 -25.88 -3.72 73.72
N ASP H 130 -24.99 -2.74 73.90
CA ASP H 130 -24.17 -2.68 75.11
C ASP H 130 -25.05 -2.53 76.35
N LEU H 131 -26.02 -1.62 76.28
CA LEU H 131 -26.99 -1.43 77.36
C LEU H 131 -27.73 -2.73 77.66
N MET H 132 -27.90 -3.60 76.66
CA MET H 132 -28.54 -4.89 76.88
C MET H 132 -27.66 -5.80 77.73
N ARG H 133 -26.42 -6.03 77.28
CA ARG H 133 -25.53 -6.98 77.93
C ARG H 133 -25.33 -6.61 79.40
N ALA H 134 -25.13 -5.33 79.67
CA ALA H 134 -25.01 -4.85 81.04
C ALA H 134 -26.25 -5.20 81.86
N MET H 135 -27.41 -5.17 81.23
CA MET H 135 -28.64 -5.49 81.96
C MET H 135 -28.78 -7.00 82.14
N HIS H 136 -28.38 -7.78 81.14
CA HIS H 136 -28.40 -9.23 81.26
C HIS H 136 -27.49 -9.72 82.37
N ALA H 137 -26.39 -9.01 82.59
CA ALA H 137 -25.46 -9.39 83.65
C ALA H 137 -26.06 -9.15 85.03
N LYS H 138 -26.62 -7.97 85.27
CA LYS H 138 -27.19 -7.74 86.59
C LYS H 138 -28.52 -8.46 86.80
N ILE H 139 -29.13 -9.02 85.76
CA ILE H 139 -30.23 -9.96 85.97
C ILE H 139 -29.70 -11.27 86.52
N VAL H 140 -28.61 -11.78 85.93
CA VAL H 140 -28.00 -13.01 86.42
C VAL H 140 -27.59 -12.82 87.87
N ALA H 141 -26.98 -11.67 88.19
CA ALA H 141 -26.62 -11.37 89.57
C ALA H 141 -27.84 -11.21 90.48
N LEU H 142 -29.02 -10.93 89.93
CA LEU H 142 -30.20 -10.92 90.78
C LEU H 142 -30.84 -12.30 90.91
N GLU H 143 -30.50 -13.24 90.04
CA GLU H 143 -30.94 -14.62 90.19
C GLU H 143 -29.96 -15.44 91.01
N GLN H 144 -28.83 -14.87 91.41
CA GLN H 144 -27.89 -15.56 92.27
C GLN H 144 -28.16 -15.29 93.74
N GLN H 145 -28.61 -14.08 94.07
CA GLN H 145 -29.10 -13.87 95.42
C GLN H 145 -30.38 -14.66 95.68
N GLY H 146 -30.99 -15.23 94.64
CA GLY H 146 -32.17 -16.05 94.81
C GLY H 146 -31.91 -17.51 95.11
N LYS H 147 -30.79 -18.04 94.61
CA LYS H 147 -30.47 -19.46 94.79
C LYS H 147 -30.37 -19.84 96.25
C ACT I . 61.89 0.97 -22.49
O ACT I . 61.27 0.01 -21.98
OXT ACT I . 61.51 1.77 -23.39
CH3 ACT I . 63.35 1.23 -21.97
NA NA J . 58.57 -0.64 -23.42
NA NA K . 54.15 -0.23 -23.22
C ACT L . 57.76 0.04 -20.41
O ACT L . 56.72 0.06 -21.14
OXT ACT L . 58.59 -0.90 -20.25
CH3 ACT L . 58.02 1.36 -19.63
C ACT M . 57.23 1.85 -24.81
O ACT M . 56.41 1.70 -23.86
OXT ACT M . 57.77 0.97 -25.53
CH3 ACT M . 57.60 3.34 -25.12
MG MG N . -27.59 -2.14 89.92
C ACT O . -28.07 19.72 -2.80
O ACT O . -28.38 19.24 -1.66
OXT ACT O . -27.76 19.11 -3.86
CH3 ACT O . -28.11 21.28 -2.87
NA NA P . -27.08 18.66 -6.36
NA NA Q . -26.46 18.12 1.19
C ACT R . -23.51 18.91 -3.87
O ACT R . -24.18 18.41 -4.81
OXT ACT R . -23.74 19.97 -3.20
CH3 ACT R . -22.22 18.14 -3.45
C ACT S . -26.13 22.39 -6.20
O ACT S . -27.31 22.01 -5.92
OXT ACT S . -25.05 22.12 -5.60
CH3 ACT S . -25.98 23.32 -7.45
#